data_4XNA
#
_entry.id   4XNA
#
_cell.length_a   120.330
_cell.length_b   120.330
_cell.length_c   170.919
_cell.angle_alpha   90.00
_cell.angle_beta   90.00
_cell.angle_gamma   120.00
#
_symmetry.space_group_name_H-M   'P 31 2 1'
#
loop_
_entity.id
_entity.type
_entity.pdbx_description
1 polymer 'Aminopeptidase N'
2 non-polymer 'ZINC ION'
3 non-polymer '(3S)-3,7-DIAMINOHEPTANOIC ACID'
4 non-polymer 'SODIUM ION'
5 non-polymer GLYCEROL
6 non-polymer 'MALONATE ION'
7 water water
#
_entity_poly.entity_id   1
_entity_poly.type   'polypeptide(L)'
_entity_poly.pdbx_seq_one_letter_code
;PQAKYRHDYRAPDYQITDIDLTFDLDAQKTVVTAVSQAVRHGASDAPLRLNGEDLKLVSVHINDEPWTAWKEEEGALVIS
NLPERFTLKIINEISPAANTALEGLYQSGDALCTQCEAEGFRHITYYLDRPDVLARFTTKIIADKIKYPFLLSNGNRVAQ
GELENGRHWVQWQDPFPKPCYLFALVAGDFDVLRDTFTTRSGREVALELYVDRGNLDRAPWAMTSLKNSMKWDEERFGLE
YDLDIYMIVAVDFFNMGAMENKGLNIFNSKYVLARTDTATDKDYLDIERVIGHEYFHNWTGNRVTCRDWFQLSLKEGLTV
FRDQEFSSDLGSRAVNRINNVRTMRGLQFAEDASPMAHPIRPDMVIEMNNFYTLTVYEKGAEVIRMIHTLLGEENFQKGM
QLYFERHDGSAATCDDFVQAMEDASNVDLSHFRRWYSQSGTPIVTVKDDYNPETEQYTLTISQRTPATPDQAEKQPLHIP
FAIELYDNEGKVIPLQKGGHPVNSVLNVTQAEQTFVFDNVYFQPVPALLCEFSAPVKLEYKWSDQQLTFLMRHARNDFSR
WDAAQSLLATYIKLNVARHQQGQPLSLPVHVADAFRAVLLDEKIDPALAAEILTLPSVNEMAELFDIIDPIAIAEVREAL
TRTLATELADELLAIYNANYQSEYRVEHEDIAKRTLRNACLRFLAFGETHLADVLVSKQFHEANNMTDALAALSAAVAAQ
LPCRDALMQEYDDKWHQNGLVMDKWFILQATSPAANVLETVRGLLQHRSFTMSNPNRIRSLIGAFAGSNPAAFHAEDGSG
YLFLVEMLTDLNSRNPQVASRLIEPLIRLKRYDAKRQEKMRAALEQLKGLENLSGDLYEKITKALA
;
_entity_poly.pdbx_strand_id   A
#
loop_
_chem_comp.id
_chem_comp.type
_chem_comp.name
_chem_comp.formula
GOL non-polymer GLYCEROL 'C3 H8 O3'
MLI non-polymer 'MALONATE ION' 'C3 H2 O4 -2'
NA non-polymer 'SODIUM ION' 'Na 1'
ZN non-polymer 'ZINC ION' 'Zn 2'
#
# COMPACT_ATOMS: atom_id res chain seq x y z
N PRO A 1 -9.61 -16.15 20.71
CA PRO A 1 -8.52 -15.15 20.47
C PRO A 1 -8.85 -13.74 21.05
N GLN A 2 -7.91 -13.19 21.81
CA GLN A 2 -8.21 -12.06 22.71
C GLN A 2 -7.77 -10.71 22.10
N ALA A 3 -8.60 -9.70 22.22
CA ALA A 3 -8.21 -8.38 21.79
C ALA A 3 -7.13 -7.77 22.71
N LYS A 4 -6.21 -6.99 22.14
CA LYS A 4 -5.36 -6.11 22.91
C LYS A 4 -5.74 -4.68 22.64
N TYR A 5 -5.49 -3.82 23.62
CA TYR A 5 -5.91 -2.43 23.65
C TYR A 5 -4.77 -1.51 23.88
N ARG A 6 -4.74 -0.44 23.12
CA ARG A 6 -3.68 0.59 23.21
C ARG A 6 -3.52 1.17 24.62
N HIS A 7 -4.63 1.32 25.34
CA HIS A 7 -4.58 1.95 26.69
C HIS A 7 -3.95 1.04 27.74
N ASP A 8 -3.87 -0.25 27.46
CA ASP A 8 -3.10 -1.20 28.32
C ASP A 8 -1.61 -1.17 28.19
N TYR A 9 -1.00 -0.34 27.33
CA TYR A 9 0.43 -0.39 27.19
C TYR A 9 1.07 -0.21 28.58
N ARG A 10 2.03 -1.04 28.94
CA ARG A 10 2.93 -0.76 30.07
C ARG A 10 4.34 -1.08 29.63
N ALA A 11 5.29 -0.31 30.19
CA ALA A 11 6.69 -0.58 30.00
C ALA A 11 7.02 -2.02 30.46
N PRO A 12 8.00 -2.64 29.84
CA PRO A 12 8.26 -4.06 30.09
C PRO A 12 8.97 -4.32 31.42
N ASP A 13 8.61 -5.42 32.08
CA ASP A 13 9.28 -5.82 33.32
C ASP A 13 10.76 -6.13 33.17
N TYR A 14 11.15 -6.51 31.98
CA TYR A 14 12.52 -6.86 31.66
C TYR A 14 12.87 -6.28 30.32
N GLN A 15 14.13 -5.92 30.20
CA GLN A 15 14.74 -5.62 28.92
C GLN A 15 15.79 -6.68 28.56
N ILE A 16 16.07 -6.77 27.27
CA ILE A 16 17.16 -7.54 26.71
C ILE A 16 17.99 -6.52 25.97
N THR A 17 19.30 -6.52 26.21
CA THR A 17 20.24 -5.58 25.64
C THR A 17 21.05 -6.20 24.51
N ASP A 18 21.32 -7.50 24.55
CA ASP A 18 22.18 -8.16 23.56
C ASP A 18 21.67 -9.52 23.35
N ILE A 19 21.62 -9.99 22.11
CA ILE A 19 21.23 -11.36 21.87
C ILE A 19 22.18 -11.96 20.84
N ASP A 20 22.66 -13.17 21.16
N ASP A 20 22.63 -13.16 21.13
CA ASP A 20 23.56 -13.98 20.34
CA ASP A 20 23.60 -13.84 20.32
C ASP A 20 22.80 -15.22 19.87
C ASP A 20 22.92 -15.20 19.87
N LEU A 21 22.58 -15.30 18.58
CA LEU A 21 21.81 -16.42 17.99
C LEU A 21 22.71 -17.34 17.22
N THR A 22 22.42 -18.63 17.29
CA THR A 22 23.07 -19.60 16.46
C THR A 22 21.99 -20.46 15.81
N PHE A 23 22.01 -20.55 14.50
CA PHE A 23 21.09 -21.38 13.75
C PHE A 23 21.85 -22.50 13.15
N ASP A 24 21.45 -23.71 13.48
CA ASP A 24 21.89 -24.91 12.80
C ASP A 24 20.80 -25.30 11.81
N LEU A 25 20.96 -24.82 10.59
CA LEU A 25 19.91 -24.80 9.65
C LEU A 25 19.73 -26.11 8.94
N ASP A 26 18.46 -26.49 8.86
CA ASP A 26 17.98 -27.58 8.07
C ASP A 26 16.46 -27.38 7.90
N ALA A 27 16.00 -27.71 6.72
CA ALA A 27 14.61 -27.48 6.35
C ALA A 27 13.58 -28.26 7.17
N GLN A 28 13.91 -29.48 7.58
CA GLN A 28 12.97 -30.27 8.39
C GLN A 28 13.05 -29.89 9.85
N LYS A 29 14.28 -29.64 10.31
CA LYS A 29 14.56 -29.40 11.70
C LYS A 29 15.74 -28.41 11.90
N THR A 30 15.42 -27.19 12.30
CA THR A 30 16.43 -26.18 12.57
C THR A 30 16.58 -26.06 14.09
N VAL A 31 17.79 -26.09 14.60
CA VAL A 31 18.08 -25.88 16.01
C VAL A 31 18.52 -24.42 16.22
N VAL A 32 17.83 -23.74 17.12
CA VAL A 32 18.13 -22.38 17.45
C VAL A 32 18.71 -22.28 18.84
N THR A 33 19.82 -21.58 19.01
CA THR A 33 20.40 -21.34 20.34
C THR A 33 20.43 -19.85 20.49
N ALA A 34 19.82 -19.33 21.53
CA ALA A 34 19.67 -17.93 21.75
C ALA A 34 20.17 -17.56 23.14
N VAL A 35 21.18 -16.71 23.17
CA VAL A 35 21.86 -16.34 24.38
C VAL A 35 21.58 -14.83 24.53
N SER A 36 20.78 -14.46 25.51
CA SER A 36 20.28 -13.10 25.71
C SER A 36 20.82 -12.54 27.04
N GLN A 37 21.31 -11.30 27.04
CA GLN A 37 21.60 -10.58 28.26
C GLN A 37 20.41 -9.74 28.65
N ALA A 38 19.93 -9.95 29.88
CA ALA A 38 18.68 -9.41 30.35
C ALA A 38 18.85 -8.60 31.60
N VAL A 39 17.98 -7.60 31.71
CA VAL A 39 17.98 -6.66 32.81
C VAL A 39 16.54 -6.43 33.29
N ARG A 40 16.27 -6.64 34.58
CA ARG A 40 14.97 -6.37 35.17
C ARG A 40 14.77 -4.85 35.44
N HIS A 41 13.64 -4.31 35.01
CA HIS A 41 13.22 -2.94 35.29
C HIS A 41 12.01 -2.94 36.28
N GLY A 42 11.22 -3.99 36.31
CA GLY A 42 10.05 -4.00 37.18
C GLY A 42 10.30 -4.55 38.56
N ALA A 43 9.20 -4.96 39.19
CA ALA A 43 9.25 -5.56 40.53
C ALA A 43 10.18 -6.81 40.61
N SER A 44 10.94 -6.90 41.70
CA SER A 44 11.81 -8.07 42.01
C SER A 44 11.21 -9.44 41.91
N ASP A 45 9.95 -9.57 42.15
CA ASP A 45 9.32 -10.86 42.02
C ASP A 45 8.56 -11.04 40.70
N ALA A 46 8.67 -10.12 39.74
CA ALA A 46 7.97 -10.35 38.42
C ALA A 46 8.74 -11.46 37.65
N PRO A 47 8.02 -12.44 37.09
CA PRO A 47 8.72 -13.44 36.27
C PRO A 47 8.99 -12.81 34.92
N LEU A 48 9.90 -13.38 34.18
CA LEU A 48 10.09 -13.03 32.80
C LEU A 48 9.10 -13.82 31.94
N ARG A 49 8.28 -13.13 31.17
CA ARG A 49 7.28 -13.75 30.28
C ARG A 49 7.76 -13.64 28.85
N LEU A 50 8.19 -14.74 28.27
CA LEU A 50 8.70 -14.72 26.92
C LEU A 50 7.62 -15.17 26.00
N ASN A 51 7.50 -14.54 24.86
CA ASN A 51 6.58 -15.03 23.83
C ASN A 51 7.17 -16.16 23.04
N GLY A 52 6.35 -17.12 22.64
CA GLY A 52 6.81 -18.20 21.78
C GLY A 52 5.62 -18.94 21.13
N GLU A 53 5.76 -19.32 19.86
CA GLU A 53 4.69 -20.05 19.15
C GLU A 53 5.30 -21.16 18.38
N ASP A 54 4.73 -22.39 18.48
CA ASP A 54 5.12 -23.53 17.68
C ASP A 54 6.62 -23.80 17.79
N LEU A 55 7.12 -23.78 19.00
CA LEU A 55 8.53 -24.01 19.25
C LEU A 55 8.65 -25.29 20.04
N LYS A 56 9.68 -26.08 19.76
CA LYS A 56 9.97 -27.22 20.61
C LYS A 56 11.10 -26.85 21.56
N LEU A 57 10.78 -26.68 22.82
CA LEU A 57 11.79 -26.26 23.80
C LEU A 57 12.74 -27.40 24.15
N VAL A 58 14.03 -27.18 24.08
CA VAL A 58 15.01 -28.21 24.36
C VAL A 58 15.67 -27.90 25.73
N SER A 59 16.01 -26.64 26.01
CA SER A 59 16.57 -26.34 27.29
C SER A 59 16.54 -24.88 27.64
N VAL A 60 16.64 -24.62 28.94
CA VAL A 60 16.64 -23.30 29.55
C VAL A 60 17.72 -23.23 30.61
N HIS A 61 18.64 -22.29 30.47
CA HIS A 61 19.71 -22.03 31.39
C HIS A 61 19.72 -20.55 31.75
N ILE A 62 20.10 -20.25 32.97
CA ILE A 62 20.28 -18.89 33.47
C ILE A 62 21.69 -18.85 34.06
N ASN A 63 22.54 -17.98 33.56
CA ASN A 63 23.94 -17.96 33.88
C ASN A 63 24.62 -19.30 33.82
N ASP A 64 24.37 -20.07 32.76
CA ASP A 64 24.84 -21.47 32.66
C ASP A 64 24.25 -22.53 33.58
N GLU A 65 23.36 -22.15 34.50
CA GLU A 65 22.73 -23.10 35.39
C GLU A 65 21.44 -23.59 34.69
N PRO A 66 21.29 -24.92 34.49
CA PRO A 66 19.96 -25.41 34.11
C PRO A 66 18.90 -24.92 35.10
N TRP A 67 17.82 -24.34 34.57
CA TRP A 67 16.80 -23.66 35.38
C TRP A 67 15.59 -24.58 35.57
N THR A 68 15.06 -24.59 36.78
CA THR A 68 13.88 -25.42 37.13
C THR A 68 12.67 -24.59 37.43
N ALA A 69 12.88 -23.30 37.76
CA ALA A 69 11.78 -22.37 38.00
C ALA A 69 11.16 -21.76 36.73
N TRP A 70 10.45 -22.58 35.95
CA TRP A 70 9.75 -22.05 34.80
C TRP A 70 8.55 -22.88 34.48
N LYS A 71 7.67 -22.35 33.66
CA LYS A 71 6.66 -23.20 33.07
C LYS A 71 6.23 -22.70 31.72
N GLU A 72 5.77 -23.60 30.85
CA GLU A 72 5.07 -23.25 29.59
C GLU A 72 3.61 -22.93 29.75
N GLU A 73 3.12 -21.92 29.04
CA GLU A 73 1.71 -21.60 28.99
C GLU A 73 1.35 -21.36 27.56
N GLU A 74 0.08 -21.11 27.30
CA GLU A 74 -0.40 -20.86 25.96
C GLU A 74 0.40 -19.69 25.44
N GLY A 75 1.21 -19.98 24.44
CA GLY A 75 2.00 -18.91 23.78
C GLY A 75 3.17 -18.28 24.54
N ALA A 76 3.66 -18.99 25.56
CA ALA A 76 4.63 -18.37 26.48
C ALA A 76 5.53 -19.31 27.31
N LEU A 77 6.63 -18.77 27.70
CA LEU A 77 7.55 -19.43 28.62
C LEU A 77 7.70 -18.45 29.76
N VAL A 78 7.28 -18.82 30.95
CA VAL A 78 7.30 -17.94 32.13
C VAL A 78 8.39 -18.44 33.07
N ILE A 79 9.35 -17.57 33.37
CA ILE A 79 10.55 -17.93 34.13
C ILE A 79 10.55 -17.08 35.36
N SER A 80 10.62 -17.73 36.52
CA SER A 80 10.52 -17.08 37.84
C SER A 80 11.84 -17.04 38.56
N ASN A 81 11.87 -16.20 39.60
CA ASN A 81 12.98 -16.18 40.58
C ASN A 81 14.32 -15.82 40.00
N LEU A 82 14.32 -14.74 39.20
CA LEU A 82 15.50 -14.32 38.51
C LEU A 82 16.28 -13.28 39.21
N PRO A 83 17.58 -13.23 39.01
CA PRO A 83 18.27 -12.04 39.49
C PRO A 83 17.94 -10.78 38.66
N GLU A 84 18.56 -9.69 39.04
CA GLU A 84 18.35 -8.42 38.41
C GLU A 84 18.97 -8.35 37.02
N ARG A 85 20.13 -8.95 36.82
CA ARG A 85 20.80 -9.05 35.54
C ARG A 85 21.30 -10.48 35.40
N PHE A 86 21.17 -11.06 34.21
CA PHE A 86 21.54 -12.45 33.98
C PHE A 86 21.60 -12.76 32.49
N THR A 87 22.18 -13.89 32.16
CA THR A 87 22.26 -14.40 30.80
C THR A 87 21.23 -15.55 30.70
N LEU A 88 20.30 -15.40 29.80
CA LEU A 88 19.32 -16.42 29.48
C LEU A 88 19.84 -17.20 28.29
N LYS A 89 19.87 -18.53 28.39
CA LYS A 89 20.15 -19.36 27.23
C LYS A 89 19.00 -20.34 26.97
N ILE A 90 18.47 -20.23 25.74
CA ILE A 90 17.39 -21.06 25.29
C ILE A 90 17.91 -21.85 24.11
N ILE A 91 17.63 -23.14 24.07
CA ILE A 91 17.78 -23.91 22.91
C ILE A 91 16.39 -24.44 22.51
N ASN A 92 16.05 -24.35 21.23
CA ASN A 92 14.76 -24.82 20.78
C ASN A 92 14.81 -25.24 19.34
N GLU A 93 13.79 -26.00 18.93
CA GLU A 93 13.67 -26.44 17.52
C GLU A 93 12.45 -25.88 16.83
N ILE A 94 12.62 -25.68 15.51
CA ILE A 94 11.57 -25.22 14.60
C ILE A 94 11.66 -25.97 13.28
N SER A 95 10.62 -25.82 12.49
CA SER A 95 10.55 -26.61 11.23
C SER A 95 10.13 -25.75 10.03
N PRO A 96 11.09 -25.17 9.37
CA PRO A 96 10.76 -24.26 8.26
C PRO A 96 9.92 -24.85 7.14
N ALA A 97 10.20 -26.08 6.80
CA ALA A 97 9.43 -26.80 5.79
C ALA A 97 7.95 -26.91 6.13
N ALA A 98 7.59 -26.96 7.40
CA ALA A 98 6.16 -27.02 7.75
C ALA A 98 5.49 -25.66 7.75
N ASN A 99 6.24 -24.56 7.64
CA ASN A 99 5.71 -23.21 7.82
C ASN A 99 5.05 -22.69 6.52
N THR A 100 3.75 -22.93 6.38
CA THR A 100 3.03 -22.45 5.19
C THR A 100 2.48 -21.03 5.39
N ALA A 101 2.37 -20.60 6.62
CA ALA A 101 1.94 -19.26 6.97
C ALA A 101 2.92 -18.18 6.50
N LEU A 102 4.18 -18.56 6.34
CA LEU A 102 5.28 -17.66 5.90
C LEU A 102 5.52 -16.56 6.90
N GLU A 103 5.48 -16.91 8.18
CA GLU A 103 5.69 -16.05 9.32
C GLU A 103 6.79 -16.74 10.18
N GLY A 104 7.90 -16.06 10.53
CA GLY A 104 9.10 -16.68 11.07
C GLY A 104 10.11 -17.16 10.05
N LEU A 105 10.70 -18.35 10.31
CA LEU A 105 11.65 -19.00 9.39
C LEU A 105 10.95 -20.02 8.50
N TYR A 106 10.96 -19.77 7.23
CA TYR A 106 10.23 -20.61 6.30
C TYR A 106 11.02 -20.90 5.02
N GLN A 107 10.45 -21.69 4.18
CA GLN A 107 11.11 -22.12 2.96
C GLN A 107 10.54 -21.34 1.78
N SER A 108 11.37 -20.71 0.95
CA SER A 108 10.86 -20.09 -0.30
C SER A 108 11.56 -20.77 -1.45
N GLY A 109 10.88 -21.67 -2.17
CA GLY A 109 11.54 -22.55 -3.16
C GLY A 109 12.58 -23.39 -2.45
N ASP A 110 13.85 -23.27 -2.81
CA ASP A 110 14.95 -23.96 -2.09
C ASP A 110 15.68 -23.09 -1.04
N ALA A 111 15.35 -21.81 -0.97
CA ALA A 111 15.86 -20.92 0.04
C ALA A 111 15.10 -21.00 1.35
N LEU A 112 15.81 -20.64 2.42
CA LEU A 112 15.27 -20.40 3.74
C LEU A 112 15.33 -18.92 3.91
N CYS A 113 14.23 -18.33 4.40
CA CYS A 113 14.19 -16.96 4.77
C CYS A 113 13.20 -16.66 5.88
N THR A 114 13.30 -15.48 6.41
CA THR A 114 12.50 -15.03 7.49
C THR A 114 11.50 -13.93 7.13
N GLN A 115 10.39 -13.90 7.86
CA GLN A 115 9.57 -12.67 7.97
C GLN A 115 9.16 -12.52 9.43
N CYS A 116 9.56 -11.44 10.08
CA CYS A 116 9.31 -11.28 11.53
C CYS A 116 8.33 -10.17 11.94
N GLU A 117 8.01 -9.22 11.07
CA GLU A 117 7.01 -8.23 11.38
C GLU A 117 5.61 -8.84 11.13
N ALA A 118 4.68 -8.65 12.05
CA ALA A 118 4.87 -7.96 13.32
C ALA A 118 5.47 -8.80 14.43
N GLU A 119 4.98 -10.02 14.55
CA GLU A 119 5.25 -10.91 15.70
C GLU A 119 5.63 -12.29 15.25
N GLY A 120 6.50 -12.32 14.27
CA GLY A 120 7.01 -13.61 13.77
C GLY A 120 8.31 -14.09 14.43
N PHE A 121 9.08 -13.22 15.10
CA PHE A 121 10.31 -13.68 15.77
C PHE A 121 9.99 -14.74 16.84
N ARG A 122 8.86 -14.58 17.49
CA ARG A 122 8.40 -15.59 18.46
C ARG A 122 8.16 -16.98 17.87
N HIS A 123 8.13 -17.10 16.54
CA HIS A 123 8.01 -18.39 15.89
C HIS A 123 9.39 -18.98 15.66
N ILE A 124 10.44 -18.25 16.03
CA ILE A 124 11.83 -18.68 15.87
C ILE A 124 12.42 -19.09 17.21
N THR A 125 12.21 -18.28 18.28
CA THR A 125 12.68 -18.63 19.62
C THR A 125 11.83 -17.89 20.63
N TYR A 126 11.96 -18.26 21.88
CA TYR A 126 11.23 -17.56 23.00
C TYR A 126 11.83 -16.17 23.22
N TYR A 127 11.06 -15.08 23.17
CA TYR A 127 11.70 -13.75 23.26
C TYR A 127 10.71 -12.73 23.73
N LEU A 128 11.23 -11.55 24.06
CA LEU A 128 10.40 -10.36 24.31
C LEU A 128 10.03 -9.75 22.97
N ASP A 129 9.00 -10.33 22.36
CA ASP A 129 8.69 -10.09 20.97
C ASP A 129 7.76 -8.91 20.93
N ARG A 130 8.35 -7.75 21.15
CA ARG A 130 7.66 -6.52 21.25
C ARG A 130 8.64 -5.36 20.90
N PRO A 131 8.18 -4.36 20.16
CA PRO A 131 9.15 -3.48 19.53
C PRO A 131 9.79 -2.42 20.44
N ASP A 132 9.36 -2.30 21.69
CA ASP A 132 10.05 -1.41 22.63
C ASP A 132 11.23 -2.11 23.34
N VAL A 133 11.47 -3.38 23.02
CA VAL A 133 12.67 -4.05 23.47
C VAL A 133 13.68 -4.10 22.34
N LEU A 134 14.75 -3.35 22.49
CA LEU A 134 15.80 -3.22 21.48
C LEU A 134 17.10 -3.79 21.92
N ALA A 135 17.68 -4.65 21.11
CA ALA A 135 18.93 -5.32 21.44
C ALA A 135 19.91 -5.34 20.28
N ARG A 136 21.17 -5.57 20.61
CA ARG A 136 22.24 -5.73 19.65
C ARG A 136 22.30 -7.20 19.35
N PHE A 137 22.17 -7.54 18.08
CA PHE A 137 22.21 -8.88 17.57
C PHE A 137 23.56 -9.30 16.99
N THR A 138 23.86 -10.57 17.20
CA THR A 138 24.96 -11.26 16.59
C THR A 138 24.30 -12.57 16.18
N THR A 139 24.48 -13.00 14.95
CA THR A 139 23.82 -14.12 14.38
C THR A 139 24.80 -15.03 13.66
N LYS A 140 24.89 -16.27 14.12
CA LYS A 140 25.75 -17.24 13.52
C LYS A 140 24.89 -18.30 12.86
N ILE A 141 25.21 -18.63 11.61
CA ILE A 141 24.44 -19.52 10.79
C ILE A 141 25.34 -20.66 10.35
N ILE A 142 24.84 -21.86 10.47
CA ILE A 142 25.56 -23.08 10.13
C ILE A 142 24.66 -23.83 9.21
N ALA A 143 25.19 -24.31 8.09
CA ALA A 143 24.37 -24.93 7.08
C ALA A 143 25.22 -25.71 6.09
N ASP A 144 24.58 -26.67 5.42
CA ASP A 144 25.17 -27.37 4.24
C ASP A 144 25.68 -26.39 3.17
N LYS A 145 26.95 -26.53 2.79
CA LYS A 145 27.59 -25.70 1.74
C LYS A 145 26.94 -25.72 0.37
N ILE A 146 26.47 -26.87 -0.07
CA ILE A 146 25.98 -27.02 -1.44
C ILE A 146 24.61 -26.42 -1.57
N LYS A 147 23.74 -26.75 -0.65
CA LYS A 147 22.37 -26.28 -0.64
C LYS A 147 22.36 -24.81 -0.27
N TYR A 148 23.22 -24.38 0.68
CA TYR A 148 23.12 -23.00 1.22
C TYR A 148 24.47 -22.26 1.18
N PRO A 149 24.98 -22.00 -0.01
CA PRO A 149 26.29 -21.37 -0.09
C PRO A 149 26.29 -19.94 0.41
N PHE A 150 25.14 -19.24 0.34
CA PHE A 150 25.04 -17.91 0.89
C PHE A 150 24.28 -17.93 2.22
N LEU A 151 24.89 -17.35 3.25
CA LEU A 151 24.32 -17.28 4.60
C LEU A 151 24.29 -15.86 5.14
N LEU A 152 23.10 -15.26 5.12
CA LEU A 152 22.99 -13.80 5.35
C LEU A 152 22.20 -13.44 6.59
N SER A 153 22.65 -12.44 7.31
CA SER A 153 21.81 -11.85 8.37
C SER A 153 22.13 -10.36 8.46
N ASN A 154 21.48 -9.63 9.36
CA ASN A 154 21.68 -8.16 9.48
C ASN A 154 23.14 -7.79 9.77
N GLY A 155 23.62 -6.68 9.20
CA GLY A 155 24.83 -6.00 9.66
C GLY A 155 26.05 -6.43 8.84
N ASN A 156 27.17 -6.64 9.51
CA ASN A 156 28.42 -6.96 8.84
C ASN A 156 28.88 -8.40 9.05
N ARG A 157 29.55 -9.00 8.07
CA ARG A 157 30.07 -10.35 8.25
CA ARG A 157 30.13 -10.36 8.18
C ARG A 157 31.35 -10.30 9.10
N VAL A 158 31.35 -10.94 10.27
CA VAL A 158 32.54 -10.85 11.16
C VAL A 158 33.34 -12.13 11.30
N ALA A 159 32.80 -13.27 10.90
CA ALA A 159 33.49 -14.54 11.05
C ALA A 159 32.92 -15.53 10.10
N GLN A 160 33.73 -16.55 9.84
CA GLN A 160 33.54 -17.49 8.74
C GLN A 160 34.33 -18.73 9.06
N GLY A 161 33.74 -19.90 8.74
CA GLY A 161 34.40 -21.17 8.90
C GLY A 161 33.85 -22.34 8.14
N GLU A 162 34.66 -23.39 8.07
CA GLU A 162 34.33 -24.69 7.48
C GLU A 162 34.26 -25.74 8.57
N LEU A 163 33.33 -26.67 8.41
CA LEU A 163 33.12 -27.79 9.29
C LEU A 163 33.18 -29.08 8.49
N GLU A 164 33.29 -30.19 9.24
CA GLU A 164 33.15 -31.53 8.72
C GLU A 164 31.79 -31.72 8.05
N ASN A 165 31.79 -32.68 7.16
CA ASN A 165 30.57 -33.12 6.48
C ASN A 165 29.92 -32.08 5.64
N GLY A 166 30.73 -31.28 4.95
CA GLY A 166 30.21 -30.36 3.95
C GLY A 166 29.33 -29.24 4.51
N ARG A 167 29.60 -28.81 5.75
CA ARG A 167 28.94 -27.67 6.33
C ARG A 167 29.86 -26.50 6.46
N HIS A 168 29.24 -25.35 6.52
CA HIS A 168 29.95 -24.09 6.76
C HIS A 168 29.14 -23.11 7.64
N TRP A 169 29.81 -22.07 8.08
CA TRP A 169 29.21 -21.13 8.94
C TRP A 169 29.70 -19.74 8.70
N VAL A 170 28.83 -18.79 8.99
CA VAL A 170 29.16 -17.40 8.93
C VAL A 170 28.55 -16.75 10.14
N GLN A 171 29.17 -15.69 10.64
CA GLN A 171 28.60 -14.91 11.69
C GLN A 171 28.48 -13.45 11.28
N TRP A 172 27.41 -12.81 11.71
CA TRP A 172 27.07 -11.44 11.37
C TRP A 172 26.82 -10.66 12.64
N GLN A 173 27.07 -9.36 12.60
CA GLN A 173 26.88 -8.54 13.75
C GLN A 173 26.30 -7.21 13.27
N ASP A 174 25.22 -6.77 13.89
CA ASP A 174 24.59 -5.53 13.54
C ASP A 174 24.76 -4.58 14.74
N PRO A 175 25.50 -3.48 14.56
CA PRO A 175 25.81 -2.59 15.66
C PRO A 175 24.65 -1.77 16.22
N PHE A 176 23.56 -1.68 15.47
CA PHE A 176 22.47 -0.81 15.90
C PHE A 176 21.50 -1.66 16.69
N PRO A 177 21.09 -1.27 17.90
CA PRO A 177 20.03 -2.02 18.60
C PRO A 177 18.71 -2.02 17.80
N LYS A 178 17.96 -3.10 17.88
CA LYS A 178 16.77 -3.24 17.07
C LYS A 178 15.76 -4.07 17.80
N PRO A 179 14.47 -3.78 17.58
CA PRO A 179 13.43 -4.73 17.94
C PRO A 179 13.58 -5.91 17.04
N CYS A 180 13.14 -7.07 17.48
CA CYS A 180 13.34 -8.29 16.79
C CYS A 180 12.53 -8.36 15.54
N TYR A 181 11.46 -7.57 15.37
CA TYR A 181 10.76 -7.63 14.05
C TYR A 181 11.68 -7.27 12.86
N LEU A 182 12.83 -6.66 13.13
CA LEU A 182 13.77 -6.32 12.12
C LEU A 182 14.86 -7.33 11.91
N PHE A 183 14.79 -8.47 12.58
CA PHE A 183 15.70 -9.56 12.35
C PHE A 183 15.44 -10.18 11.01
N ALA A 184 16.55 -10.54 10.31
CA ALA A 184 16.42 -11.33 9.09
C ALA A 184 17.50 -12.36 8.95
N LEU A 185 17.13 -13.45 8.29
CA LEU A 185 18.05 -14.49 7.95
C LEU A 185 17.65 -15.02 6.60
N VAL A 186 18.66 -15.25 5.74
CA VAL A 186 18.45 -15.83 4.42
C VAL A 186 19.56 -16.82 4.16
N ALA A 187 19.16 -17.97 3.64
CA ALA A 187 20.10 -18.99 3.25
C ALA A 187 19.72 -19.57 1.90
N GLY A 188 20.67 -19.71 1.02
CA GLY A 188 20.37 -20.32 -0.27
C GLY A 188 21.43 -20.04 -1.31
N ASP A 189 21.06 -20.30 -2.54
CA ASP A 189 21.93 -20.09 -3.69
C ASP A 189 21.33 -19.06 -4.63
N PHE A 190 22.11 -18.06 -5.00
CA PHE A 190 21.59 -16.91 -5.64
C PHE A 190 22.63 -16.44 -6.67
N ASP A 191 22.17 -15.72 -7.67
CA ASP A 191 22.99 -14.86 -8.45
C ASP A 191 22.96 -13.53 -7.69
N VAL A 192 24.07 -12.80 -7.78
CA VAL A 192 24.21 -11.56 -7.07
C VAL A 192 24.67 -10.46 -8.00
N LEU A 193 24.03 -9.29 -7.94
CA LEU A 193 24.43 -8.11 -8.60
C LEU A 193 25.03 -7.20 -7.51
N ARG A 194 26.24 -6.69 -7.80
CA ARG A 194 26.97 -5.93 -6.81
C ARG A 194 27.28 -4.60 -7.38
N ASP A 195 27.19 -3.57 -6.56
CA ASP A 195 27.39 -2.22 -7.03
C ASP A 195 27.74 -1.41 -5.81
N THR A 196 27.96 -0.10 -5.95
CA THR A 196 28.26 0.68 -4.79
C THR A 196 27.59 2.02 -4.91
N PHE A 197 27.40 2.66 -3.77
CA PHE A 197 26.94 4.02 -3.69
C PHE A 197 27.83 4.75 -2.70
N THR A 198 28.23 5.94 -3.05
CA THR A 198 29.05 6.77 -2.20
C THR A 198 28.20 7.90 -1.61
N THR A 199 28.10 7.96 -0.30
CA THR A 199 27.13 8.91 0.26
C THR A 199 27.70 10.33 0.11
N ARG A 200 26.93 11.38 0.43
CA ARG A 200 27.42 12.74 0.24
CA ARG A 200 27.40 12.75 0.25
C ARG A 200 28.65 13.09 1.12
N SER A 201 28.84 12.39 2.24
CA SER A 201 30.00 12.65 3.09
C SER A 201 31.14 11.67 2.78
N GLY A 202 31.00 10.83 1.75
CA GLY A 202 32.12 9.99 1.29
C GLY A 202 32.16 8.57 1.81
N ARG A 203 31.14 8.11 2.48
CA ARG A 203 31.08 6.70 2.83
C ARG A 203 30.73 5.87 1.60
N GLU A 204 31.54 4.85 1.34
CA GLU A 204 31.27 3.95 0.24
C GLU A 204 30.45 2.73 0.69
N VAL A 205 29.24 2.59 0.23
CA VAL A 205 28.37 1.49 0.67
C VAL A 205 28.34 0.38 -0.39
N ALA A 206 28.66 -0.84 0.00
CA ALA A 206 28.54 -1.97 -0.93
C ALA A 206 27.05 -2.33 -1.01
N LEU A 207 26.52 -2.39 -2.23
CA LEU A 207 25.16 -2.76 -2.50
C LEU A 207 25.12 -4.10 -3.07
N GLU A 208 24.28 -4.97 -2.55
CA GLU A 208 24.18 -6.38 -3.07
C GLU A 208 22.73 -6.86 -3.20
N LEU A 209 22.39 -7.33 -4.39
CA LEU A 209 21.07 -7.76 -4.71
C LEU A 209 21.10 -9.21 -5.09
N TYR A 210 20.44 -10.03 -4.29
CA TYR A 210 20.37 -11.47 -4.43
C TYR A 210 19.09 -11.84 -5.10
N VAL A 211 19.17 -12.59 -6.21
CA VAL A 211 17.98 -13.04 -6.96
C VAL A 211 18.16 -14.50 -7.31
N ASP A 212 17.08 -15.15 -7.77
CA ASP A 212 17.20 -16.59 -8.11
C ASP A 212 18.20 -16.71 -9.22
N ARG A 213 18.93 -17.83 -9.28
CA ARG A 213 19.79 -18.14 -10.44
C ARG A 213 19.02 -17.98 -11.77
N GLY A 214 19.63 -17.31 -12.74
CA GLY A 214 19.01 -17.03 -14.00
C GLY A 214 18.31 -15.69 -14.11
N ASN A 215 18.21 -14.91 -13.02
CA ASN A 215 17.46 -13.66 -13.05
C ASN A 215 18.24 -12.41 -12.94
N LEU A 216 19.52 -12.53 -13.11
CA LEU A 216 20.37 -11.36 -13.02
C LEU A 216 20.08 -10.30 -14.09
N ASP A 217 19.59 -10.73 -15.27
CA ASP A 217 19.14 -9.79 -16.32
C ASP A 217 17.90 -8.94 -15.91
N ARG A 218 17.29 -9.26 -14.78
CA ARG A 218 16.14 -8.49 -14.32
C ARG A 218 16.44 -7.68 -13.09
N ALA A 219 17.72 -7.58 -12.74
CA ALA A 219 18.15 -6.91 -11.50
C ALA A 219 18.52 -5.44 -11.63
N PRO A 220 19.03 -4.98 -12.80
CA PRO A 220 19.61 -3.64 -12.75
C PRO A 220 18.71 -2.52 -12.40
N TRP A 221 17.45 -2.63 -12.76
CA TRP A 221 16.55 -1.47 -12.53
C TRP A 221 16.35 -1.26 -11.01
N ALA A 222 16.20 -2.37 -10.29
CA ALA A 222 16.05 -2.29 -8.81
C ALA A 222 17.30 -1.68 -8.20
N MET A 223 18.46 -2.06 -8.73
CA MET A 223 19.72 -1.50 -8.21
C MET A 223 19.79 -0.01 -8.45
N THR A 224 19.34 0.37 -9.64
CA THR A 224 19.32 1.75 -9.99
C THR A 224 18.40 2.51 -9.09
N SER A 225 17.25 1.93 -8.85
CA SER A 225 16.25 2.53 -7.93
C SER A 225 16.76 2.70 -6.50
N LEU A 226 17.50 1.72 -6.01
CA LEU A 226 18.13 1.85 -4.69
C LEU A 226 19.07 3.02 -4.62
N LYS A 227 19.93 3.17 -5.63
CA LYS A 227 20.84 4.31 -5.65
C LYS A 227 20.08 5.64 -5.73
N ASN A 228 19.09 5.67 -6.64
CA ASN A 228 18.22 6.83 -6.69
C ASN A 228 17.59 7.15 -5.34
N SER A 229 17.13 6.13 -4.63
CA SER A 229 16.55 6.33 -3.25
C SER A 229 17.54 6.93 -2.29
N MET A 230 18.75 6.43 -2.31
CA MET A 230 19.78 6.87 -1.34
C MET A 230 20.13 8.30 -1.58
N LYS A 231 20.23 8.64 -2.86
CA LYS A 231 20.50 10.02 -3.28
C LYS A 231 19.36 10.99 -2.91
N TRP A 232 18.14 10.58 -3.21
CA TRP A 232 17.01 11.42 -2.90
C TRP A 232 16.89 11.66 -1.39
N ASP A 233 17.05 10.62 -0.58
CA ASP A 233 16.96 10.83 0.83
C ASP A 233 17.99 11.84 1.36
N GLU A 234 19.19 11.82 0.79
CA GLU A 234 20.17 12.82 1.07
C GLU A 234 19.72 14.19 0.62
N GLU A 235 19.34 14.36 -0.62
CA GLU A 235 18.91 15.69 -1.09
C GLU A 235 17.73 16.28 -0.36
N ARG A 236 16.71 15.50 -0.14
CA ARG A 236 15.44 16.02 0.39
C ARG A 236 15.38 16.06 1.91
N PHE A 237 15.88 15.01 2.57
CA PHE A 237 15.77 14.88 4.04
C PHE A 237 17.12 14.99 4.80
N GLY A 238 18.22 15.02 4.07
CA GLY A 238 19.49 15.11 4.71
C GLY A 238 19.93 13.82 5.38
N LEU A 239 19.44 12.69 4.90
CA LEU A 239 19.60 11.44 5.59
C LEU A 239 20.55 10.59 4.77
N GLU A 240 21.58 10.08 5.42
CA GLU A 240 22.48 9.14 4.82
C GLU A 240 22.33 7.73 5.40
N TYR A 241 22.70 6.72 4.58
CA TYR A 241 22.76 5.36 5.06
C TYR A 241 23.90 5.20 6.08
N ASP A 242 23.71 4.26 7.01
CA ASP A 242 24.46 4.25 8.21
C ASP A 242 25.36 3.00 8.39
N LEU A 243 25.47 2.14 7.38
CA LEU A 243 26.28 0.94 7.40
C LEU A 243 27.11 0.89 6.11
N ASP A 244 28.04 -0.04 6.03
CA ASP A 244 28.88 -0.18 4.79
C ASP A 244 28.37 -1.17 3.74
N ILE A 245 27.30 -1.86 4.09
CA ILE A 245 26.67 -2.81 3.26
C ILE A 245 25.17 -2.69 3.29
N TYR A 246 24.55 -2.87 2.14
CA TYR A 246 23.10 -2.91 1.97
C TYR A 246 22.77 -4.12 1.09
N MET A 247 22.05 -5.09 1.63
CA MET A 247 21.60 -6.24 0.92
C MET A 247 20.08 -6.21 0.67
N ILE A 248 19.67 -6.72 -0.48
CA ILE A 248 18.30 -6.96 -0.79
C ILE A 248 18.24 -8.38 -1.31
N VAL A 249 17.25 -9.18 -0.88
CA VAL A 249 17.06 -10.50 -1.43
C VAL A 249 15.63 -10.58 -1.98
N ALA A 250 15.50 -11.00 -3.25
CA ALA A 250 14.23 -11.23 -3.89
C ALA A 250 13.82 -12.68 -3.70
N VAL A 251 12.70 -12.90 -3.02
CA VAL A 251 12.16 -14.25 -2.85
C VAL A 251 10.79 -14.32 -3.49
N ASP A 252 10.42 -15.50 -3.94
CA ASP A 252 9.14 -15.73 -4.67
C ASP A 252 7.93 -15.99 -3.79
N PHE A 253 8.14 -16.38 -2.54
CA PHE A 253 7.06 -16.74 -1.65
C PHE A 253 7.11 -15.73 -0.49
N PHE A 254 6.21 -14.76 -0.56
CA PHE A 254 6.19 -13.67 0.36
C PHE A 254 4.76 -13.12 0.46
N ASN A 255 4.32 -12.82 1.68
CA ASN A 255 2.97 -12.36 1.95
C ASN A 255 2.65 -10.89 1.57
N MET A 256 3.62 -10.02 1.68
CA MET A 256 3.44 -8.60 1.37
C MET A 256 4.35 -8.21 0.18
N GLY A 257 4.67 -6.93 0.04
CA GLY A 257 5.54 -6.47 -0.98
C GLY A 257 7.02 -6.60 -0.61
N ALA A 258 7.37 -6.27 0.62
CA ALA A 258 8.79 -6.28 0.99
C ALA A 258 8.91 -6.05 2.50
N MET A 259 10.13 -6.02 3.01
CA MET A 259 10.36 -5.85 4.42
C MET A 259 11.70 -5.12 4.67
N GLU A 260 11.66 -4.12 5.51
CA GLU A 260 12.79 -3.26 5.75
C GLU A 260 13.80 -3.78 6.75
N ASN A 261 14.07 -5.09 6.80
CA ASN A 261 15.00 -5.60 7.81
C ASN A 261 16.33 -4.87 7.71
N LYS A 262 16.90 -4.44 8.83
CA LYS A 262 18.07 -3.53 8.82
C LYS A 262 19.22 -4.12 8.01
N GLY A 263 19.64 -3.44 6.98
CA GLY A 263 20.74 -3.91 6.16
C GLY A 263 20.42 -5.10 5.32
N LEU A 264 19.21 -5.64 5.43
CA LEU A 264 18.92 -6.92 4.71
C LEU A 264 17.45 -6.96 4.41
N ASN A 265 17.05 -6.15 3.43
CA ASN A 265 15.71 -6.11 3.02
C ASN A 265 15.42 -7.43 2.30
N ILE A 266 14.23 -7.98 2.53
CA ILE A 266 13.70 -9.15 1.80
C ILE A 266 12.45 -8.63 1.06
N PHE A 267 12.42 -8.87 -0.24
CA PHE A 267 11.45 -8.32 -1.18
C PHE A 267 10.75 -9.48 -1.87
N ASN A 268 9.44 -9.30 -2.03
CA ASN A 268 8.71 -10.06 -3.03
C ASN A 268 9.35 -9.81 -4.39
N SER A 269 9.69 -10.84 -5.12
CA SER A 269 10.38 -10.61 -6.38
C SER A 269 9.56 -9.76 -7.40
N LYS A 270 8.24 -9.73 -7.24
CA LYS A 270 7.38 -8.85 -7.97
C LYS A 270 7.79 -7.39 -7.84
N TYR A 271 8.39 -6.99 -6.74
CA TYR A 271 8.85 -5.63 -6.65
C TYR A 271 10.34 -5.51 -6.77
N VAL A 272 10.99 -6.45 -7.44
CA VAL A 272 12.38 -6.30 -7.82
C VAL A 272 12.63 -6.52 -9.34
N LEU A 273 12.08 -7.59 -9.92
CA LEU A 273 12.53 -8.05 -11.23
C LEU A 273 11.82 -7.35 -12.36
N ALA A 274 12.59 -6.80 -13.29
CA ALA A 274 12.05 -6.12 -14.46
C ALA A 274 13.02 -6.17 -15.66
N ARG A 275 12.43 -6.34 -16.85
CA ARG A 275 13.07 -6.30 -18.14
C ARG A 275 12.01 -5.73 -19.02
N THR A 276 12.39 -5.14 -20.15
CA THR A 276 11.43 -4.38 -20.94
C THR A 276 10.33 -5.26 -21.53
N ASP A 277 10.66 -6.52 -21.79
N ASP A 277 10.64 -6.53 -21.82
CA ASP A 277 9.72 -7.47 -22.30
CA ASP A 277 9.65 -7.49 -22.31
C ASP A 277 8.87 -8.20 -21.23
C ASP A 277 8.80 -8.16 -21.21
N THR A 278 9.20 -8.03 -19.94
CA THR A 278 8.45 -8.64 -18.87
C THR A 278 7.65 -7.68 -17.99
N ALA A 279 7.97 -6.39 -18.02
CA ALA A 279 7.44 -5.51 -17.00
C ALA A 279 6.90 -4.29 -17.68
N THR A 280 5.82 -3.73 -17.10
CA THR A 280 5.20 -2.53 -17.60
C THR A 280 5.85 -1.28 -16.99
N ASP A 281 5.56 -0.14 -17.58
CA ASP A 281 5.87 1.13 -16.98
C ASP A 281 5.42 1.14 -15.52
N LYS A 282 4.22 0.65 -15.27
CA LYS A 282 3.70 0.62 -13.91
C LYS A 282 4.57 -0.29 -13.01
N ASP A 283 4.98 -1.47 -13.46
CA ASP A 283 5.97 -2.27 -12.70
C ASP A 283 7.26 -1.52 -12.37
N TYR A 284 7.80 -0.79 -13.36
CA TYR A 284 9.05 -0.06 -13.19
C TYR A 284 8.83 0.97 -12.11
N LEU A 285 7.73 1.73 -12.18
CA LEU A 285 7.43 2.74 -11.18
C LEU A 285 7.09 2.17 -9.76
N ASP A 286 6.48 0.99 -9.71
CA ASP A 286 6.18 0.31 -8.47
C ASP A 286 7.46 -0.20 -7.82
N ILE A 287 8.37 -0.76 -8.64
CA ILE A 287 9.66 -1.24 -8.15
C ILE A 287 10.41 -0.08 -7.56
N GLU A 288 10.41 1.02 -8.26
CA GLU A 288 11.02 2.22 -7.72
C GLU A 288 10.43 2.66 -6.37
N ARG A 289 9.12 2.65 -6.29
CA ARG A 289 8.42 3.06 -5.10
C ARG A 289 8.73 2.15 -3.86
N VAL A 290 8.66 0.85 -4.05
CA VAL A 290 8.80 -0.08 -2.94
C VAL A 290 10.27 -0.15 -2.47
N ILE A 291 11.22 -0.13 -3.42
CA ILE A 291 12.64 -0.01 -3.10
C ILE A 291 12.89 1.25 -2.28
N GLY A 292 12.32 2.36 -2.72
CA GLY A 292 12.44 3.61 -1.99
C GLY A 292 11.83 3.46 -0.59
N HIS A 293 10.63 2.89 -0.54
CA HIS A 293 9.85 2.80 0.70
C HIS A 293 10.70 2.03 1.72
N GLU A 294 11.16 0.83 1.38
CA GLU A 294 11.96 0.04 2.32
C GLU A 294 13.26 0.74 2.70
N TYR A 295 13.88 1.41 1.74
CA TYR A 295 15.08 2.21 2.07
C TYR A 295 14.76 3.35 3.05
N PHE A 296 13.68 4.06 2.80
CA PHE A 296 13.31 5.20 3.62
C PHE A 296 12.99 4.76 5.05
N HIS A 297 12.55 3.51 5.23
CA HIS A 297 12.36 3.01 6.58
C HIS A 297 13.64 2.96 7.40
N ASN A 298 14.80 2.99 6.76
CA ASN A 298 16.01 2.91 7.52
C ASN A 298 16.11 3.97 8.63
N TRP A 299 15.54 5.13 8.36
CA TRP A 299 15.39 6.18 9.38
C TRP A 299 14.00 6.15 9.99
N THR A 300 12.95 6.13 9.19
CA THR A 300 11.61 6.25 9.72
C THR A 300 11.05 4.84 9.89
N GLY A 301 11.48 4.22 10.99
CA GLY A 301 11.15 2.85 11.31
C GLY A 301 12.25 2.08 12.05
N ASN A 302 13.49 2.17 11.57
CA ASN A 302 14.64 1.41 12.11
C ASN A 302 15.44 2.28 13.11
N ARG A 303 16.09 3.35 12.67
CA ARG A 303 16.78 4.26 13.62
C ARG A 303 15.78 4.84 14.63
N VAL A 304 14.52 5.09 14.25
CA VAL A 304 13.44 5.35 15.22
C VAL A 304 12.34 4.35 14.90
N THR A 305 12.01 3.49 15.90
CA THR A 305 11.04 2.42 15.75
C THR A 305 9.78 2.76 16.56
N CYS A 306 8.89 1.81 16.69
CA CYS A 306 7.60 2.00 17.29
C CYS A 306 7.59 1.41 18.68
N ARG A 307 7.04 2.16 19.61
CA ARG A 307 6.93 1.67 20.99
C ARG A 307 6.07 0.45 21.12
N ASP A 308 5.01 0.39 20.33
CA ASP A 308 4.12 -0.76 20.33
C ASP A 308 3.44 -0.75 18.98
N TRP A 309 2.75 -1.81 18.63
CA TRP A 309 2.12 -1.90 17.32
C TRP A 309 0.96 -0.96 17.04
N PHE A 310 0.34 -0.39 18.07
CA PHE A 310 -0.76 0.49 17.87
C PHE A 310 -0.17 1.74 17.22
N GLN A 311 1.15 1.93 17.40
CA GLN A 311 1.89 3.06 16.74
C GLN A 311 2.38 2.76 15.30
N LEU A 312 1.86 1.75 14.62
CA LEU A 312 2.39 1.44 13.34
C LEU A 312 2.50 2.62 12.36
N SER A 313 1.47 3.48 12.30
CA SER A 313 1.42 4.55 11.33
C SER A 313 2.56 5.55 11.54
N LEU A 314 3.15 5.59 12.73
CA LEU A 314 4.35 6.42 12.98
C LEU A 314 5.45 6.09 11.95
N LYS A 315 5.63 4.81 11.65
CA LYS A 315 6.57 4.46 10.61
C LYS A 315 5.94 4.39 9.23
N GLU A 316 4.73 3.85 9.13
CA GLU A 316 4.17 3.57 7.82
C GLU A 316 3.58 4.81 7.15
N GLY A 317 2.85 5.62 7.87
CA GLY A 317 2.27 6.89 7.32
C GLY A 317 3.42 7.75 6.88
N LEU A 318 4.43 7.91 7.74
CA LEU A 318 5.56 8.79 7.44
C LEU A 318 6.41 8.23 6.30
N THR A 319 6.55 6.91 6.25
CA THR A 319 7.36 6.29 5.17
C THR A 319 6.59 6.31 3.84
N VAL A 320 5.26 6.10 3.89
CA VAL A 320 4.46 6.22 2.68
C VAL A 320 4.56 7.66 2.14
N PHE A 321 4.46 8.63 3.02
CA PHE A 321 4.61 10.04 2.63
C PHE A 321 5.98 10.25 1.94
N ARG A 322 7.02 9.69 2.52
CA ARG A 322 8.35 9.74 1.94
C ARG A 322 8.38 9.05 0.58
N ASP A 323 7.78 7.87 0.39
CA ASP A 323 7.83 7.26 -0.95
C ASP A 323 7.04 8.07 -2.02
N GLN A 324 6.00 8.77 -1.59
CA GLN A 324 5.19 9.57 -2.47
C GLN A 324 5.95 10.81 -2.89
N GLU A 325 6.57 11.45 -1.91
CA GLU A 325 7.48 12.56 -2.21
C GLU A 325 8.66 12.18 -3.14
N PHE A 326 9.26 11.04 -2.92
CA PHE A 326 10.30 10.51 -3.79
C PHE A 326 9.78 10.33 -5.24
N SER A 327 8.71 9.59 -5.41
CA SER A 327 8.10 9.38 -6.74
C SER A 327 7.69 10.64 -7.38
N SER A 328 7.15 11.54 -6.58
CA SER A 328 6.73 12.82 -7.11
C SER A 328 7.87 13.73 -7.50
N ASP A 329 8.97 13.75 -6.72
CA ASP A 329 10.15 14.57 -7.07
C ASP A 329 10.81 14.00 -8.32
N LEU A 330 10.96 12.70 -8.44
CA LEU A 330 11.58 12.15 -9.61
C LEU A 330 10.70 12.07 -10.80
N GLY A 331 9.39 11.96 -10.61
CA GLY A 331 8.49 11.79 -11.75
C GLY A 331 7.58 12.99 -11.90
N SER A 332 6.33 12.71 -12.19
CA SER A 332 5.30 13.75 -12.32
C SER A 332 4.60 13.92 -10.96
N ARG A 333 4.77 15.06 -10.32
CA ARG A 333 4.04 15.29 -9.06
C ARG A 333 2.50 15.11 -9.27
N ALA A 334 1.98 15.66 -10.38
CA ALA A 334 0.56 15.63 -10.65
C ALA A 334 0.06 14.21 -10.78
N VAL A 335 0.76 13.36 -11.54
CA VAL A 335 0.27 11.99 -11.69
C VAL A 335 0.29 11.24 -10.34
N ASN A 336 1.35 11.43 -9.55
CA ASN A 336 1.40 10.82 -8.23
C ASN A 336 0.27 11.22 -7.31
N ARG A 337 0.02 12.52 -7.23
CA ARG A 337 -1.01 13.05 -6.41
C ARG A 337 -2.37 12.55 -6.88
N ILE A 338 -2.64 12.65 -8.16
CA ILE A 338 -3.85 12.10 -8.69
C ILE A 338 -4.09 10.60 -8.30
N ASN A 339 -3.15 9.74 -8.61
CA ASN A 339 -3.29 8.35 -8.29
C ASN A 339 -3.40 8.04 -6.81
N ASN A 340 -2.71 8.83 -5.99
CA ASN A 340 -2.91 8.64 -4.58
C ASN A 340 -4.29 9.08 -4.12
N VAL A 341 -4.82 10.12 -4.75
CA VAL A 341 -6.17 10.53 -4.48
C VAL A 341 -7.14 9.47 -5.01
N ARG A 342 -6.85 8.88 -6.16
CA ARG A 342 -7.73 7.80 -6.62
CA ARG A 342 -7.73 7.80 -6.62
C ARG A 342 -7.80 6.68 -5.57
N THR A 343 -6.65 6.30 -5.00
CA THR A 343 -6.57 5.27 -3.99
C THR A 343 -7.32 5.64 -2.70
N MET A 344 -7.13 6.86 -2.23
CA MET A 344 -7.78 7.32 -1.02
C MET A 344 -9.32 7.26 -1.17
N ARG A 345 -9.82 7.93 -2.21
CA ARG A 345 -11.27 8.02 -2.32
C ARG A 345 -11.88 6.67 -2.77
N GLY A 346 -11.20 5.93 -3.61
CA GLY A 346 -11.77 4.71 -4.16
C GLY A 346 -11.66 3.47 -3.34
N LEU A 347 -10.68 3.44 -2.43
CA LEU A 347 -10.39 2.24 -1.66
C LEU A 347 -10.31 2.49 -0.15
N GLN A 348 -9.61 3.54 0.29
CA GLN A 348 -9.51 3.78 1.70
C GLN A 348 -10.78 4.27 2.35
N PHE A 349 -11.52 5.12 1.65
CA PHE A 349 -12.82 5.59 2.15
C PHE A 349 -13.77 4.41 2.43
N ALA A 350 -13.78 3.45 1.53
CA ALA A 350 -14.64 2.24 1.72
C ALA A 350 -14.23 1.51 2.98
N GLU A 351 -12.92 1.38 3.20
CA GLU A 351 -12.47 0.77 4.46
C GLU A 351 -12.93 1.55 5.70
N ASP A 352 -12.85 2.88 5.63
CA ASP A 352 -13.20 3.75 6.77
C ASP A 352 -14.74 3.80 7.06
N ALA A 353 -15.53 3.28 6.12
CA ALA A 353 -16.95 3.05 6.38
C ALA A 353 -17.28 1.55 6.71
N SER A 354 -16.29 0.64 6.67
CA SER A 354 -16.51 -0.79 6.80
C SER A 354 -16.56 -1.16 8.25
N PRO A 355 -16.97 -2.41 8.53
CA PRO A 355 -16.80 -2.91 9.89
C PRO A 355 -15.35 -2.95 10.40
N MET A 356 -14.36 -2.90 9.52
CA MET A 356 -12.97 -2.93 9.95
C MET A 356 -12.39 -1.55 10.23
N ALA A 357 -13.24 -0.51 10.13
CA ALA A 357 -12.81 0.89 10.33
C ALA A 357 -12.01 1.08 11.60
N HIS A 358 -10.91 1.85 11.54
CA HIS A 358 -10.12 2.20 12.72
C HIS A 358 -9.43 3.48 12.51
N PRO A 359 -9.08 4.17 13.59
CA PRO A 359 -8.22 5.32 13.40
C PRO A 359 -6.83 4.87 12.90
N ILE A 360 -6.04 5.81 12.38
CA ILE A 360 -4.68 5.49 11.88
C ILE A 360 -3.80 4.95 13.01
N ARG A 361 -4.10 5.38 14.24
CA ARG A 361 -3.57 4.75 15.46
C ARG A 361 -4.67 3.94 16.09
N PRO A 362 -4.72 2.64 15.83
CA PRO A 362 -5.83 1.87 16.38
C PRO A 362 -5.85 1.76 17.92
N ASP A 363 -7.03 1.49 18.45
CA ASP A 363 -7.23 1.35 19.89
C ASP A 363 -7.39 -0.09 20.32
N MET A 364 -7.76 -0.97 19.40
CA MET A 364 -8.03 -2.33 19.68
C MET A 364 -7.59 -3.18 18.48
N VAL A 365 -6.88 -4.26 18.75
CA VAL A 365 -6.39 -5.10 17.75
C VAL A 365 -6.46 -6.52 18.32
N ILE A 366 -6.92 -7.46 17.51
CA ILE A 366 -6.85 -8.86 17.82
C ILE A 366 -5.68 -9.52 17.08
N GLU A 367 -5.58 -9.32 15.77
CA GLU A 367 -4.49 -9.90 14.97
C GLU A 367 -3.78 -8.73 14.28
N MET A 368 -2.59 -8.42 14.74
CA MET A 368 -1.92 -7.19 14.29
C MET A 368 -1.60 -7.22 12.79
N ASN A 369 -1.49 -8.39 12.16
CA ASN A 369 -1.30 -8.37 10.73
C ASN A 369 -2.48 -7.91 9.96
N ASN A 370 -3.64 -7.83 10.59
CA ASN A 370 -4.81 -7.23 9.98
C ASN A 370 -4.76 -5.72 9.91
N PHE A 371 -3.81 -5.05 10.53
CA PHE A 371 -3.81 -3.61 10.54
C PHE A 371 -2.72 -2.96 9.67
N TYR A 372 -2.19 -3.75 8.74
CA TYR A 372 -1.33 -3.19 7.71
C TYR A 372 -2.24 -2.72 6.58
N THR A 373 -2.89 -1.58 6.76
CA THR A 373 -4.08 -1.18 5.98
C THR A 373 -3.92 0.08 5.18
N LEU A 374 -4.81 0.22 4.22
CA LEU A 374 -4.92 1.44 3.49
C LEU A 374 -5.06 2.60 4.44
N THR A 375 -5.80 2.40 5.53
CA THR A 375 -5.98 3.43 6.50
C THR A 375 -4.62 3.77 7.11
N VAL A 376 -4.00 2.78 7.69
CA VAL A 376 -2.71 3.02 8.42
C VAL A 376 -1.62 3.60 7.51
N TYR A 377 -1.55 3.07 6.29
CA TYR A 377 -0.60 3.51 5.29
C TYR A 377 -0.99 4.82 4.52
N GLU A 378 -2.12 4.81 3.79
CA GLU A 378 -2.50 5.92 2.89
C GLU A 378 -3.17 7.03 3.63
N LYS A 379 -4.18 6.74 4.45
CA LYS A 379 -4.66 7.82 5.32
C LYS A 379 -3.56 8.32 6.24
N GLY A 380 -2.70 7.41 6.72
CA GLY A 380 -1.56 7.83 7.56
C GLY A 380 -0.68 8.89 6.89
N ALA A 381 -0.39 8.65 5.63
CA ALA A 381 0.41 9.54 4.85
C ALA A 381 -0.29 10.88 4.60
N GLU A 382 -1.59 10.81 4.36
CA GLU A 382 -2.40 12.05 4.23
C GLU A 382 -2.36 12.93 5.49
N VAL A 383 -2.33 12.28 6.65
CA VAL A 383 -2.15 12.98 7.92
C VAL A 383 -0.77 13.62 8.03
N ILE A 384 0.27 12.87 7.69
CA ILE A 384 1.57 13.48 7.59
C ILE A 384 1.57 14.68 6.61
N ARG A 385 0.94 14.48 5.46
CA ARG A 385 0.91 15.52 4.41
C ARG A 385 0.16 16.76 4.87
N MET A 386 -0.92 16.58 5.64
CA MET A 386 -1.60 17.71 6.33
C MET A 386 -0.69 18.49 7.27
N ILE A 387 0.18 17.79 8.00
CA ILE A 387 1.17 18.46 8.83
C ILE A 387 2.08 19.30 7.96
N HIS A 388 2.54 18.70 6.88
CA HIS A 388 3.36 19.41 5.94
C HIS A 388 2.66 20.66 5.39
N THR A 389 1.39 20.52 5.04
CA THR A 389 0.59 21.60 4.53
C THR A 389 0.50 22.71 5.62
N LEU A 390 0.21 22.38 6.84
CA LEU A 390 0.10 23.40 7.86
C LEU A 390 1.45 24.02 8.17
N LEU A 391 2.54 23.26 8.24
CA LEU A 391 3.85 23.88 8.63
C LEU A 391 4.65 24.47 7.48
N GLY A 392 4.47 24.00 6.27
CA GLY A 392 5.38 24.34 5.18
C GLY A 392 6.63 23.48 5.26
N GLU A 393 7.32 23.38 4.13
CA GLU A 393 8.46 22.49 4.02
C GLU A 393 9.58 22.75 5.03
N GLU A 394 9.85 24.03 5.26
CA GLU A 394 11.01 24.35 6.06
C GLU A 394 10.76 23.96 7.51
N ASN A 395 9.62 24.37 8.09
CA ASN A 395 9.27 23.90 9.42
C ASN A 395 9.08 22.41 9.53
N PHE A 396 8.60 21.75 8.48
CA PHE A 396 8.37 20.32 8.51
C PHE A 396 9.72 19.59 8.65
N GLN A 397 10.74 20.06 7.93
CA GLN A 397 12.09 19.53 8.03
C GLN A 397 12.71 19.78 9.37
N LYS A 398 12.47 20.96 9.94
CA LYS A 398 12.90 21.15 11.34
C LYS A 398 12.27 20.14 12.29
N GLY A 399 10.99 19.86 12.08
CA GLY A 399 10.29 18.89 12.88
C GLY A 399 10.90 17.52 12.72
N MET A 400 11.22 17.16 11.48
CA MET A 400 11.91 15.89 11.23
C MET A 400 13.24 15.81 12.00
N GLN A 401 13.98 16.89 11.98
CA GLN A 401 15.30 16.92 12.60
C GLN A 401 15.20 16.80 14.10
N LEU A 402 14.16 17.41 14.64
CA LEU A 402 13.92 17.34 16.05
C LEU A 402 13.42 15.95 16.43
N TYR A 403 12.56 15.35 15.64
CA TYR A 403 12.13 14.01 15.92
C TYR A 403 13.34 13.06 15.99
N PHE A 404 14.25 13.15 15.04
CA PHE A 404 15.39 12.27 15.10
C PHE A 404 16.34 12.58 16.24
N GLU A 405 16.51 13.85 16.49
CA GLU A 405 17.41 14.28 17.57
C GLU A 405 16.94 13.74 18.91
N ARG A 406 15.65 13.76 19.16
CA ARG A 406 15.13 13.32 20.42
C ARG A 406 15.01 11.79 20.47
N HIS A 407 14.75 11.11 19.34
CA HIS A 407 14.27 9.73 19.39
C HIS A 407 15.14 8.70 18.69
N ASP A 408 16.21 9.15 18.07
CA ASP A 408 17.16 8.24 17.45
C ASP A 408 17.62 7.21 18.46
N GLY A 409 17.52 5.95 18.10
CA GLY A 409 17.97 4.87 18.95
C GLY A 409 16.89 4.37 19.85
N SER A 410 15.64 4.79 19.67
CA SER A 410 14.62 4.38 20.63
C SER A 410 13.32 4.04 19.91
N ALA A 411 12.34 3.54 20.65
CA ALA A 411 11.00 3.23 20.14
C ALA A 411 10.09 4.37 20.54
N ALA A 412 9.36 4.94 19.60
CA ALA A 412 8.59 6.18 19.87
C ALA A 412 7.10 5.99 19.56
N THR A 413 6.35 7.03 19.86
CA THR A 413 4.91 7.07 19.66
C THR A 413 4.50 8.09 18.59
N CYS A 414 3.33 7.89 17.99
CA CYS A 414 2.73 8.93 17.11
C CYS A 414 2.70 10.28 17.81
N ASP A 415 2.32 10.25 19.09
CA ASP A 415 2.25 11.47 19.87
C ASP A 415 3.62 12.15 19.93
N ASP A 416 4.72 11.38 20.09
CA ASP A 416 6.07 11.95 20.08
C ASP A 416 6.37 12.67 18.75
N PHE A 417 5.90 12.10 17.64
CA PHE A 417 6.15 12.73 16.34
C PHE A 417 5.44 14.09 16.19
N VAL A 418 4.18 14.09 16.56
CA VAL A 418 3.40 15.31 16.53
C VAL A 418 4.07 16.35 17.45
N GLN A 419 4.52 15.93 18.62
CA GLN A 419 5.15 16.86 19.57
C GLN A 419 6.43 17.54 18.99
N ALA A 420 7.21 16.77 18.24
CA ALA A 420 8.38 17.28 17.61
C ALA A 420 8.06 18.32 16.55
N MET A 421 7.04 18.02 15.74
CA MET A 421 6.53 18.93 14.76
C MET A 421 6.00 20.23 15.42
N GLU A 422 5.24 20.13 16.50
CA GLU A 422 4.78 21.33 17.22
C GLU A 422 5.92 22.12 17.78
N ASP A 423 6.85 21.46 18.45
CA ASP A 423 7.96 22.18 19.10
C ASP A 423 8.88 22.83 18.10
N ALA A 424 9.12 22.19 16.96
CA ALA A 424 10.04 22.78 16.00
C ALA A 424 9.44 23.99 15.26
N SER A 425 8.15 23.99 15.02
CA SER A 425 7.47 24.96 14.21
C SER A 425 6.81 26.09 14.99
N ASN A 426 6.50 25.86 16.26
CA ASN A 426 5.55 26.67 17.05
C ASN A 426 4.17 26.78 16.39
N VAL A 427 3.76 25.71 15.73
CA VAL A 427 2.36 25.58 15.27
C VAL A 427 1.69 24.63 16.24
N ASP A 428 0.52 25.03 16.70
CA ASP A 428 -0.25 24.26 17.66
C ASP A 428 -0.99 23.16 16.94
N LEU A 429 -0.79 21.93 17.37
CA LEU A 429 -1.40 20.77 16.71
C LEU A 429 -2.21 19.90 17.69
N SER A 430 -2.63 20.51 18.81
CA SER A 430 -3.44 19.80 19.84
C SER A 430 -4.71 19.27 19.27
N HIS A 431 -5.41 20.13 18.55
CA HIS A 431 -6.66 19.71 18.01
C HIS A 431 -6.36 18.70 16.85
N PHE A 432 -5.28 18.94 16.12
CA PHE A 432 -4.87 18.12 15.00
C PHE A 432 -4.67 16.63 15.39
N ARG A 433 -4.28 16.40 16.64
CA ARG A 433 -4.10 15.03 17.15
CA ARG A 433 -4.11 15.03 17.16
C ARG A 433 -5.33 14.20 17.03
N ARG A 434 -6.47 14.84 16.95
CA ARG A 434 -7.70 14.13 16.82
C ARG A 434 -7.71 13.24 15.58
N TRP A 435 -6.91 13.55 14.54
CA TRP A 435 -6.82 12.65 13.38
C TRP A 435 -6.20 11.29 13.67
N TYR A 436 -5.39 11.19 14.73
CA TYR A 436 -4.80 9.91 15.13
C TYR A 436 -5.82 9.02 15.81
N SER A 437 -6.85 9.63 16.47
CA SER A 437 -7.75 8.86 17.34
C SER A 437 -9.15 8.71 16.86
N GLN A 438 -9.53 9.39 15.80
CA GLN A 438 -10.88 9.25 15.25
C GLN A 438 -10.87 8.58 13.87
N SER A 439 -11.74 7.60 13.68
CA SER A 439 -11.88 6.87 12.47
C SER A 439 -12.99 7.50 11.56
N GLY A 440 -13.18 6.96 10.37
CA GLY A 440 -14.10 7.49 9.40
C GLY A 440 -13.69 8.77 8.65
N THR A 441 -14.40 9.02 7.56
CA THR A 441 -14.12 10.11 6.64
C THR A 441 -15.00 11.32 6.95
N PRO A 442 -14.39 12.45 7.31
CA PRO A 442 -15.21 13.65 7.45
C PRO A 442 -15.90 14.04 6.12
N ILE A 443 -17.12 14.54 6.27
CA ILE A 443 -17.89 15.18 5.19
C ILE A 443 -17.82 16.67 5.36
N VAL A 444 -17.26 17.35 4.37
CA VAL A 444 -17.15 18.81 4.43
C VAL A 444 -18.09 19.42 3.44
N THR A 445 -18.96 20.27 3.93
CA THR A 445 -20.02 20.93 3.16
C THR A 445 -19.69 22.39 3.03
N VAL A 446 -19.72 22.87 1.80
CA VAL A 446 -19.39 24.26 1.47
C VAL A 446 -20.56 24.98 0.76
N LYS A 447 -20.87 26.17 1.23
CA LYS A 447 -21.87 27.06 0.63
C LYS A 447 -21.16 28.39 0.47
N ASP A 448 -21.46 29.04 -0.64
CA ASP A 448 -20.83 30.32 -0.97
C ASP A 448 -21.78 31.44 -1.37
N ASP A 449 -21.25 32.64 -1.31
CA ASP A 449 -22.03 33.80 -1.59
C ASP A 449 -21.14 34.88 -2.10
N TYR A 450 -21.53 35.50 -3.22
CA TYR A 450 -20.82 36.68 -3.71
C TYR A 450 -21.71 37.90 -3.52
N ASN A 451 -21.17 38.91 -2.84
CA ASN A 451 -21.82 40.18 -2.62
C ASN A 451 -21.26 41.30 -3.51
N PRO A 452 -22.06 41.73 -4.54
CA PRO A 452 -21.53 42.73 -5.48
C PRO A 452 -21.43 44.13 -4.88
N GLU A 453 -22.30 44.48 -3.94
CA GLU A 453 -22.17 45.75 -3.19
C GLU A 453 -20.79 45.87 -2.46
N THR A 454 -20.37 44.83 -1.76
CA THR A 454 -19.11 44.93 -0.95
C THR A 454 -17.89 44.25 -1.53
N GLU A 455 -18.06 43.58 -2.67
CA GLU A 455 -16.98 42.83 -3.30
C GLU A 455 -16.37 41.83 -2.31
N GLN A 456 -17.28 41.14 -1.63
CA GLN A 456 -16.99 40.06 -0.69
C GLN A 456 -17.48 38.72 -1.14
N TYR A 457 -16.61 37.74 -0.96
CA TYR A 457 -16.96 36.33 -1.16
C TYR A 457 -16.95 35.68 0.19
N THR A 458 -18.02 34.96 0.48
CA THR A 458 -18.21 34.34 1.74
C THR A 458 -18.35 32.87 1.55
N LEU A 459 -17.47 32.09 2.20
CA LEU A 459 -17.61 30.61 2.29
C LEU A 459 -18.06 30.20 3.67
N THR A 460 -19.08 29.37 3.71
CA THR A 460 -19.63 28.77 4.88
C THR A 460 -19.36 27.29 4.79
N ILE A 461 -18.54 26.79 5.71
CA ILE A 461 -17.97 25.45 5.66
C ILE A 461 -18.38 24.73 6.89
N SER A 462 -18.90 23.54 6.77
CA SER A 462 -19.23 22.75 7.93
C SER A 462 -18.68 21.36 7.71
N GLN A 463 -18.48 20.64 8.79
CA GLN A 463 -17.95 19.28 8.76
C GLN A 463 -18.71 18.42 9.70
N ARG A 464 -18.79 17.14 9.37
CA ARG A 464 -19.15 16.19 10.38
C ARG A 464 -18.61 14.86 9.95
N THR A 465 -18.30 14.01 10.92
CA THR A 465 -17.97 12.61 10.60
C THR A 465 -19.11 11.71 11.13
N PRO A 466 -19.66 10.85 10.26
CA PRO A 466 -20.70 9.95 10.71
C PRO A 466 -20.10 8.95 11.64
N ALA A 467 -20.92 8.41 12.54
CA ALA A 467 -20.50 7.28 13.35
C ALA A 467 -19.96 6.16 12.48
N THR A 468 -19.07 5.38 13.06
CA THR A 468 -18.53 4.23 12.41
C THR A 468 -18.80 3.05 13.34
N PRO A 469 -18.64 1.82 12.85
CA PRO A 469 -18.92 0.67 13.75
C PRO A 469 -18.05 0.64 15.05
N ASP A 470 -16.81 1.15 15.00
CA ASP A 470 -15.94 1.20 16.16
C ASP A 470 -16.18 2.37 17.15
N GLN A 471 -16.90 3.42 16.74
CA GLN A 471 -16.89 4.68 17.43
C GLN A 471 -18.19 5.45 17.20
N ALA A 472 -18.95 5.61 18.27
CA ALA A 472 -20.22 6.31 18.21
C ALA A 472 -19.98 7.81 18.32
N GLU A 473 -18.98 8.21 19.12
CA GLU A 473 -18.64 9.62 19.31
C GLU A 473 -17.61 10.08 18.28
N LYS A 474 -17.88 11.23 17.67
CA LYS A 474 -17.03 11.89 16.67
C LYS A 474 -17.02 13.39 17.01
N GLN A 475 -15.93 14.07 16.73
CA GLN A 475 -15.81 15.51 17.00
C GLN A 475 -15.10 16.19 15.82
N PRO A 476 -15.23 17.52 15.71
CA PRO A 476 -14.62 18.25 14.61
C PRO A 476 -13.13 18.11 14.58
N LEU A 477 -12.56 17.99 13.37
CA LEU A 477 -11.12 17.90 13.18
C LEU A 477 -10.54 19.20 12.74
N HIS A 478 -9.21 19.27 12.82
CA HIS A 478 -8.48 20.37 12.24
C HIS A 478 -8.19 20.08 10.77
N ILE A 479 -9.00 20.65 9.91
CA ILE A 479 -9.01 20.34 8.46
C ILE A 479 -8.35 21.53 7.74
N PRO A 480 -7.15 21.33 7.21
CA PRO A 480 -6.56 22.29 6.26
C PRO A 480 -7.31 22.27 4.94
N PHE A 481 -8.00 23.35 4.65
CA PHE A 481 -8.88 23.44 3.51
C PHE A 481 -8.36 24.49 2.55
N ALA A 482 -7.65 24.04 1.51
CA ALA A 482 -7.00 24.93 0.55
C ALA A 482 -7.99 25.37 -0.53
N ILE A 483 -7.98 26.66 -0.84
CA ILE A 483 -8.81 27.23 -1.92
C ILE A 483 -7.95 28.07 -2.89
N GLU A 484 -8.45 28.22 -4.12
CA GLU A 484 -8.09 29.34 -5.01
C GLU A 484 -9.35 29.94 -5.62
N LEU A 485 -9.34 31.23 -5.87
CA LEU A 485 -10.46 31.90 -6.46
C LEU A 485 -10.06 32.38 -7.83
N TYR A 486 -10.83 32.04 -8.88
CA TYR A 486 -10.57 32.46 -10.22
C TYR A 486 -11.54 33.53 -10.70
N ASP A 487 -10.99 34.52 -11.39
CA ASP A 487 -11.79 35.55 -11.99
C ASP A 487 -12.23 35.12 -13.38
N ASN A 488 -12.85 36.06 -14.06
CA ASN A 488 -13.43 35.89 -15.38
C ASN A 488 -12.52 35.36 -16.51
N GLU A 489 -11.25 35.73 -16.38
CA GLU A 489 -10.27 35.44 -17.34
C GLU A 489 -9.45 34.19 -16.98
N GLY A 490 -9.70 33.56 -15.83
CA GLY A 490 -8.87 32.42 -15.38
C GLY A 490 -7.67 32.76 -14.55
N LYS A 491 -7.62 33.97 -14.01
CA LYS A 491 -6.50 34.42 -13.18
C LYS A 491 -6.90 34.37 -11.74
N VAL A 492 -5.88 34.18 -10.92
CA VAL A 492 -6.07 34.00 -9.52
C VAL A 492 -6.34 35.36 -8.89
N ILE A 493 -7.38 35.41 -8.07
CA ILE A 493 -7.76 36.59 -7.32
C ILE A 493 -6.99 36.55 -6.01
N PRO A 494 -6.16 37.58 -5.73
CA PRO A 494 -5.45 37.54 -4.44
C PRO A 494 -6.42 37.40 -3.24
N LEU A 495 -6.08 36.52 -2.32
CA LEU A 495 -6.94 36.32 -1.17
C LEU A 495 -6.63 37.32 -0.09
N GLN A 496 -7.64 37.98 0.43
CA GLN A 496 -7.36 39.01 1.40
C GLN A 496 -8.55 39.41 2.24
N LYS A 497 -8.24 40.09 3.34
CA LYS A 497 -9.23 40.57 4.24
C LYS A 497 -8.70 41.80 4.96
N GLY A 498 -9.54 42.84 5.03
CA GLY A 498 -9.28 44.08 5.79
C GLY A 498 -7.93 44.66 5.44
N GLY A 499 -7.57 44.63 4.17
CA GLY A 499 -6.30 45.17 3.68
C GLY A 499 -5.06 44.30 3.76
N HIS A 500 -5.20 43.10 4.33
CA HIS A 500 -4.09 42.18 4.56
C HIS A 500 -4.31 40.88 3.77
N PRO A 501 -3.25 40.36 3.12
CA PRO A 501 -3.26 38.98 2.61
C PRO A 501 -3.64 37.96 3.67
N VAL A 502 -4.33 36.92 3.22
CA VAL A 502 -4.69 35.82 4.06
C VAL A 502 -4.27 34.55 3.38
N ASN A 503 -3.91 33.58 4.20
CA ASN A 503 -3.40 32.27 3.75
C ASN A 503 -4.51 31.55 3.00
N SER A 504 -4.14 30.97 1.88
CA SER A 504 -5.12 30.23 1.06
C SER A 504 -5.50 28.82 1.62
N VAL A 505 -4.73 28.34 2.61
CA VAL A 505 -5.07 27.18 3.44
C VAL A 505 -5.92 27.59 4.62
N LEU A 506 -7.21 27.33 4.56
CA LEU A 506 -8.07 27.78 5.59
C LEU A 506 -8.07 26.76 6.72
N ASN A 507 -8.18 27.20 7.96
CA ASN A 507 -8.27 26.31 9.11
C ASN A 507 -9.69 26.01 9.52
N VAL A 508 -10.18 24.87 9.08
CA VAL A 508 -11.53 24.49 9.33
C VAL A 508 -11.45 23.57 10.56
N THR A 509 -11.71 24.16 11.73
CA THR A 509 -11.56 23.55 13.07
C THR A 509 -12.86 23.30 13.81
N GLN A 510 -13.97 23.82 13.32
CA GLN A 510 -15.23 23.74 14.05
C GLN A 510 -16.24 23.02 13.19
N ALA A 511 -17.40 22.66 13.79
CA ALA A 511 -18.58 22.12 13.08
C ALA A 511 -19.05 23.04 11.99
N GLU A 512 -18.90 24.33 12.21
CA GLU A 512 -19.32 25.33 11.28
C GLU A 512 -18.57 26.63 11.46
N GLN A 513 -18.21 27.25 10.36
CA GLN A 513 -17.59 28.55 10.35
C GLN A 513 -17.76 29.22 8.95
N THR A 514 -17.44 30.50 8.93
CA THR A 514 -17.62 31.36 7.82
C THR A 514 -16.30 32.04 7.58
N PHE A 515 -15.90 32.17 6.32
CA PHE A 515 -14.72 32.93 5.96
C PHE A 515 -15.15 33.95 4.95
N VAL A 516 -14.65 35.16 5.06
CA VAL A 516 -15.00 36.27 4.25
C VAL A 516 -13.72 36.83 3.61
N PHE A 517 -13.78 37.02 2.30
CA PHE A 517 -12.68 37.57 1.54
C PHE A 517 -13.14 38.89 0.92
N ASP A 518 -12.28 39.92 1.01
CA ASP A 518 -12.52 41.31 0.53
C ASP A 518 -11.86 41.47 -0.80
N ASN A 519 -12.26 42.53 -1.52
CA ASN A 519 -11.64 42.88 -2.78
C ASN A 519 -11.74 41.78 -3.79
N VAL A 520 -12.88 41.10 -3.76
CA VAL A 520 -13.17 40.08 -4.76
C VAL A 520 -13.87 40.80 -5.92
N TYR A 521 -13.08 41.20 -6.90
CA TYR A 521 -13.52 42.24 -7.90
C TYR A 521 -14.46 41.61 -8.97
N PHE A 522 -14.42 40.31 -9.11
CA PHE A 522 -15.36 39.62 -9.96
C PHE A 522 -15.92 38.43 -9.22
N GLN A 523 -17.10 37.99 -9.59
CA GLN A 523 -17.67 36.79 -8.99
C GLN A 523 -16.79 35.53 -9.30
N PRO A 524 -16.26 34.86 -8.27
CA PRO A 524 -15.22 33.88 -8.58
C PRO A 524 -15.74 32.50 -8.91
N VAL A 525 -14.94 31.73 -9.60
CA VAL A 525 -15.03 30.30 -9.63
C VAL A 525 -13.99 29.77 -8.68
N PRO A 526 -14.43 29.06 -7.63
CA PRO A 526 -13.53 28.49 -6.65
C PRO A 526 -12.99 27.18 -7.04
N ALA A 527 -11.73 26.92 -6.71
CA ALA A 527 -11.18 25.57 -6.63
C ALA A 527 -11.10 25.30 -5.12
N LEU A 528 -11.74 24.21 -4.71
CA LEU A 528 -11.98 23.87 -3.31
C LEU A 528 -11.21 22.59 -2.96
N LEU A 529 -10.73 22.52 -1.71
CA LEU A 529 -9.93 21.41 -1.24
C LEU A 529 -8.76 21.10 -2.21
N CYS A 530 -8.04 22.15 -2.65
CA CYS A 530 -6.94 21.99 -3.60
C CYS A 530 -5.87 20.98 -3.15
N GLU A 531 -5.44 20.20 -4.14
CA GLU A 531 -4.50 19.13 -3.99
C GLU A 531 -4.95 18.09 -2.97
N PHE A 532 -6.26 17.97 -2.77
CA PHE A 532 -6.85 17.10 -1.76
C PHE A 532 -6.18 17.41 -0.45
N SER A 533 -6.38 18.63 0.05
CA SER A 533 -5.63 19.12 1.16
C SER A 533 -5.96 18.48 2.48
N ALA A 534 -7.07 17.76 2.56
CA ALA A 534 -7.45 16.95 3.72
C ALA A 534 -8.24 15.76 3.19
N PRO A 535 -8.19 14.63 3.89
CA PRO A 535 -8.79 13.41 3.36
C PRO A 535 -10.27 13.35 3.74
N VAL A 536 -11.04 14.10 2.98
CA VAL A 536 -12.46 14.33 3.30
C VAL A 536 -13.34 14.23 2.05
N LYS A 537 -14.63 14.03 2.26
CA LYS A 537 -15.59 14.14 1.18
C LYS A 537 -16.01 15.58 1.01
N LEU A 538 -15.95 16.11 -0.18
CA LEU A 538 -16.36 17.49 -0.43
C LEU A 538 -17.82 17.55 -0.89
N GLU A 539 -18.69 18.28 -0.22
CA GLU A 539 -20.08 18.45 -0.71
C GLU A 539 -20.27 19.91 -1.12
N TYR A 540 -20.34 20.08 -2.40
CA TYR A 540 -20.48 21.39 -2.93
C TYR A 540 -21.13 21.26 -4.28
N LYS A 541 -22.01 22.20 -4.55
CA LYS A 541 -23.00 22.14 -5.65
C LYS A 541 -22.42 22.87 -6.91
N TRP A 542 -21.46 22.26 -7.54
CA TRP A 542 -20.87 22.79 -8.73
C TRP A 542 -21.83 22.84 -9.94
N SER A 543 -21.63 23.83 -10.81
CA SER A 543 -22.19 23.82 -12.14
C SER A 543 -21.19 23.19 -13.14
N ASP A 544 -21.70 22.59 -14.21
CA ASP A 544 -20.82 22.00 -15.18
C ASP A 544 -19.88 23.01 -15.76
N GLN A 545 -20.36 24.25 -15.91
CA GLN A 545 -19.51 25.25 -16.62
CA GLN A 545 -19.62 25.40 -16.51
C GLN A 545 -18.39 25.73 -15.66
N GLN A 546 -18.64 25.77 -14.35
CA GLN A 546 -17.59 26.02 -13.34
C GLN A 546 -16.56 24.89 -13.50
N LEU A 547 -17.00 23.64 -13.66
CA LEU A 547 -16.03 22.55 -13.72
C LEU A 547 -15.24 22.60 -14.99
N THR A 548 -15.88 22.91 -16.12
CA THR A 548 -15.06 22.96 -17.40
C THR A 548 -14.14 24.17 -17.42
N PHE A 549 -14.57 25.23 -16.79
CA PHE A 549 -13.72 26.36 -16.59
C PHE A 549 -12.43 25.96 -15.82
N LEU A 550 -12.60 25.20 -14.74
CA LEU A 550 -11.44 24.73 -13.98
C LEU A 550 -10.61 23.77 -14.84
N MET A 551 -11.27 22.94 -15.63
CA MET A 551 -10.50 22.06 -16.50
C MET A 551 -9.63 22.85 -17.47
N ARG A 552 -10.13 24.00 -17.95
CA ARG A 552 -9.42 24.88 -18.91
C ARG A 552 -8.43 25.82 -18.21
N HIS A 553 -8.71 26.28 -17.00
CA HIS A 553 -7.91 27.38 -16.38
C HIS A 553 -7.18 27.11 -15.08
N ALA A 554 -7.49 26.05 -14.33
CA ALA A 554 -6.95 25.97 -12.96
C ALA A 554 -5.40 25.90 -12.99
N ARG A 555 -4.70 26.51 -12.03
CA ARG A 555 -3.25 26.49 -12.16
C ARG A 555 -2.59 25.16 -11.83
N ASN A 556 -3.09 24.40 -10.84
CA ASN A 556 -2.57 23.05 -10.64
C ASN A 556 -3.29 22.00 -11.51
N ASP A 557 -2.49 21.13 -12.10
CA ASP A 557 -2.96 19.98 -12.87
C ASP A 557 -3.91 19.11 -12.10
N PHE A 558 -3.66 18.96 -10.81
CA PHE A 558 -4.53 18.16 -9.99
C PHE A 558 -5.97 18.70 -10.02
N SER A 559 -6.13 20.00 -9.86
CA SER A 559 -7.46 20.59 -9.85
C SER A 559 -8.16 20.38 -11.18
N ARG A 560 -7.43 20.38 -12.28
CA ARG A 560 -8.09 20.11 -13.55
C ARG A 560 -8.67 18.71 -13.66
N TRP A 561 -7.84 17.78 -13.24
CA TRP A 561 -8.22 16.38 -13.28
C TRP A 561 -9.44 16.24 -12.33
N ASP A 562 -9.32 16.83 -11.16
CA ASP A 562 -10.33 16.67 -10.14
C ASP A 562 -11.69 17.32 -10.56
N ALA A 563 -11.61 18.47 -11.22
CA ALA A 563 -12.82 19.08 -11.83
C ALA A 563 -13.45 18.12 -12.86
N ALA A 564 -12.62 17.46 -13.65
CA ALA A 564 -13.14 16.48 -14.57
C ALA A 564 -13.79 15.30 -13.88
N GLN A 565 -13.28 14.93 -12.70
CA GLN A 565 -13.95 13.90 -11.89
C GLN A 565 -15.33 14.30 -11.29
N SER A 566 -15.40 15.52 -10.81
CA SER A 566 -16.62 16.08 -10.37
C SER A 566 -17.63 16.19 -11.53
N LEU A 567 -17.15 16.52 -12.72
CA LEU A 567 -18.03 16.61 -13.87
C LEU A 567 -18.63 15.22 -14.20
N LEU A 568 -17.81 14.18 -14.26
CA LEU A 568 -18.36 12.87 -14.56
C LEU A 568 -19.26 12.35 -13.46
N ALA A 569 -18.96 12.73 -12.22
CA ALA A 569 -19.62 12.14 -11.09
C ALA A 569 -21.11 12.31 -11.21
N THR A 570 -21.54 13.52 -11.58
CA THR A 570 -23.00 13.76 -11.77
C THR A 570 -23.62 12.76 -12.73
N TYR A 571 -22.90 12.43 -13.77
CA TYR A 571 -23.44 11.63 -14.87
C TYR A 571 -23.25 10.19 -14.56
N ILE A 572 -22.33 9.87 -13.65
CA ILE A 572 -22.24 8.45 -13.23
C ILE A 572 -23.45 8.07 -12.38
N LYS A 573 -23.75 8.92 -11.43
CA LYS A 573 -24.92 8.70 -10.61
C LYS A 573 -26.23 8.66 -11.41
N LEU A 574 -26.34 9.59 -12.36
CA LEU A 574 -27.49 9.66 -13.18
C LEU A 574 -27.68 8.35 -13.92
N ASN A 575 -26.60 7.90 -14.57
CA ASN A 575 -26.69 6.74 -15.43
C ASN A 575 -26.77 5.40 -14.70
N VAL A 576 -26.23 5.33 -13.49
CA VAL A 576 -26.50 4.18 -12.66
C VAL A 576 -28.03 4.05 -12.34
N ALA A 577 -28.67 5.11 -11.88
CA ALA A 577 -30.12 5.08 -11.65
C ALA A 577 -30.91 4.73 -12.97
N ARG A 578 -30.48 5.26 -14.08
CA ARG A 578 -31.04 4.92 -15.36
C ARG A 578 -30.91 3.44 -15.65
N HIS A 579 -29.71 2.90 -15.49
CA HIS A 579 -29.45 1.51 -15.80
C HIS A 579 -30.36 0.61 -15.02
N GLN A 580 -30.60 0.95 -13.78
CA GLN A 580 -31.48 0.20 -12.93
C GLN A 580 -32.93 0.14 -13.41
N GLN A 581 -33.40 1.21 -14.05
CA GLN A 581 -34.70 1.21 -14.70
C GLN A 581 -34.68 0.72 -16.16
N GLY A 582 -33.64 0.04 -16.61
CA GLY A 582 -33.50 -0.33 -18.05
C GLY A 582 -33.25 0.79 -19.11
N GLN A 583 -32.86 2.00 -18.68
CA GLN A 583 -32.73 3.10 -19.61
CA GLN A 583 -32.69 3.14 -19.60
C GLN A 583 -31.26 3.23 -20.07
N PRO A 584 -31.02 3.62 -21.32
CA PRO A 584 -29.62 3.69 -21.77
C PRO A 584 -28.87 4.96 -21.30
N LEU A 585 -27.60 5.00 -21.62
CA LEU A 585 -26.76 6.08 -21.21
C LEU A 585 -27.25 7.47 -21.74
N SER A 586 -27.28 8.49 -20.88
CA SER A 586 -27.55 9.85 -21.31
C SER A 586 -26.38 10.72 -20.87
N LEU A 587 -25.87 11.55 -21.78
CA LEU A 587 -24.75 12.40 -21.48
C LEU A 587 -24.84 13.67 -22.29
N PRO A 588 -24.81 14.83 -21.62
CA PRO A 588 -24.89 16.03 -22.42
C PRO A 588 -23.69 16.20 -23.33
N VAL A 589 -23.98 16.78 -24.47
CA VAL A 589 -22.99 17.01 -25.49
C VAL A 589 -21.90 17.84 -24.90
N HIS A 590 -22.22 18.81 -24.07
CA HIS A 590 -21.15 19.66 -23.57
C HIS A 590 -20.09 18.93 -22.68
N VAL A 591 -20.46 17.80 -22.10
CA VAL A 591 -19.54 16.99 -21.34
C VAL A 591 -18.55 16.30 -22.29
N ALA A 592 -19.08 15.70 -23.33
CA ALA A 592 -18.22 15.06 -24.31
C ALA A 592 -17.28 16.07 -24.91
N ASP A 593 -17.79 17.29 -25.18
CA ASP A 593 -16.97 18.38 -25.69
C ASP A 593 -15.85 18.71 -24.77
N ALA A 594 -16.07 18.69 -23.45
CA ALA A 594 -14.99 19.03 -22.48
C ALA A 594 -13.83 18.04 -22.61
N PHE A 595 -14.13 16.77 -22.85
CA PHE A 595 -13.05 15.79 -23.11
C PHE A 595 -12.41 15.93 -24.46
N ARG A 596 -13.20 16.23 -25.49
CA ARG A 596 -12.67 16.55 -26.82
C ARG A 596 -11.62 17.70 -26.73
N ALA A 597 -11.94 18.77 -26.01
CA ALA A 597 -11.00 19.87 -25.78
C ALA A 597 -9.66 19.42 -25.14
N VAL A 598 -9.69 18.44 -24.24
CA VAL A 598 -8.49 17.92 -23.62
C VAL A 598 -7.61 17.12 -24.61
N LEU A 599 -8.27 16.28 -25.41
CA LEU A 599 -7.60 15.56 -26.46
C LEU A 599 -6.89 16.44 -27.46
N LEU A 600 -7.48 17.59 -27.77
CA LEU A 600 -6.92 18.53 -28.69
C LEU A 600 -6.18 19.70 -28.08
N ASP A 601 -6.12 19.88 -26.77
CA ASP A 601 -5.29 20.95 -26.22
C ASP A 601 -3.85 20.45 -26.41
N GLU A 602 -3.04 21.20 -27.17
CA GLU A 602 -1.61 20.88 -27.29
C GLU A 602 -0.66 21.49 -26.25
N LYS A 603 -1.09 22.53 -25.54
CA LYS A 603 -0.42 22.99 -24.31
C LYS A 603 -0.37 21.95 -23.15
N ILE A 604 -1.36 21.05 -23.08
CA ILE A 604 -1.59 20.21 -21.91
C ILE A 604 -0.53 19.09 -21.75
N ASP A 605 -0.05 18.87 -20.52
CA ASP A 605 0.92 17.80 -20.27
C ASP A 605 0.24 16.46 -20.67
N PRO A 606 0.90 15.63 -21.48
CA PRO A 606 0.27 14.38 -21.85
C PRO A 606 -0.07 13.45 -20.65
N ALA A 607 0.66 13.59 -19.56
CA ALA A 607 0.36 12.84 -18.34
C ALA A 607 -1.00 13.26 -17.72
N LEU A 608 -1.28 14.56 -17.76
CA LEU A 608 -2.56 15.05 -17.31
C LEU A 608 -3.64 14.59 -18.28
N ALA A 609 -3.44 14.74 -19.56
CA ALA A 609 -4.47 14.28 -20.48
C ALA A 609 -4.81 12.83 -20.25
N ALA A 610 -3.79 12.01 -20.01
CA ALA A 610 -4.04 10.59 -19.84
C ALA A 610 -4.84 10.27 -18.59
N GLU A 611 -4.61 11.02 -17.52
CA GLU A 611 -5.40 10.87 -16.31
C GLU A 611 -6.86 11.27 -16.46
N ILE A 612 -7.10 12.33 -17.20
CA ILE A 612 -8.41 12.81 -17.44
C ILE A 612 -9.20 11.82 -18.34
N LEU A 613 -8.51 11.17 -19.29
CA LEU A 613 -9.04 10.09 -20.14
C LEU A 613 -8.98 8.72 -19.54
N THR A 614 -8.61 8.62 -18.28
CA THR A 614 -8.74 7.34 -17.58
C THR A 614 -9.94 7.50 -16.64
N LEU A 615 -11.05 6.88 -17.02
CA LEU A 615 -12.25 7.00 -16.24
C LEU A 615 -12.06 6.49 -14.78
N PRO A 616 -12.80 7.07 -13.84
CA PRO A 616 -12.79 6.54 -12.51
C PRO A 616 -12.97 5.01 -12.52
N SER A 617 -12.23 4.23 -11.72
CA SER A 617 -12.45 2.77 -11.67
C SER A 617 -13.85 2.44 -11.05
N VAL A 618 -14.27 1.17 -11.14
CA VAL A 618 -15.51 0.76 -10.48
C VAL A 618 -15.52 1.03 -8.96
N ASN A 619 -14.33 1.01 -8.35
CA ASN A 619 -14.22 1.32 -6.93
C ASN A 619 -14.33 2.80 -6.66
N GLU A 620 -13.71 3.63 -7.49
CA GLU A 620 -13.92 5.07 -7.36
C GLU A 620 -15.39 5.45 -7.61
N MET A 621 -16.02 4.79 -8.55
CA MET A 621 -17.44 5.04 -8.86
CA MET A 621 -17.44 5.02 -8.86
C MET A 621 -18.33 4.66 -7.67
N ALA A 622 -18.01 3.52 -7.07
CA ALA A 622 -18.78 3.05 -5.92
C ALA A 622 -18.74 4.01 -4.74
N GLU A 623 -17.66 4.76 -4.55
CA GLU A 623 -17.66 5.79 -3.49
C GLU A 623 -18.72 6.87 -3.66
N LEU A 624 -19.28 6.97 -4.86
CA LEU A 624 -20.32 7.94 -5.10
C LEU A 624 -21.72 7.60 -4.52
N PHE A 625 -21.94 6.36 -4.10
CA PHE A 625 -23.24 5.82 -3.75
C PHE A 625 -23.29 5.38 -2.29
N ASP A 626 -24.47 5.39 -1.64
CA ASP A 626 -24.58 4.69 -0.32
C ASP A 626 -24.69 3.20 -0.48
N ILE A 627 -25.68 2.77 -1.24
CA ILE A 627 -25.83 1.39 -1.58
C ILE A 627 -25.23 1.24 -3.00
N ILE A 628 -24.41 0.21 -3.14
CA ILE A 628 -23.63 -0.05 -4.32
C ILE A 628 -24.34 -1.10 -5.15
N ASP A 629 -24.48 -0.81 -6.42
CA ASP A 629 -24.95 -1.80 -7.36
C ASP A 629 -23.82 -2.09 -8.29
N PRO A 630 -23.12 -3.17 -8.05
CA PRO A 630 -21.86 -3.36 -8.77
C PRO A 630 -22.07 -3.72 -10.22
N ILE A 631 -23.18 -4.34 -10.55
CA ILE A 631 -23.48 -4.69 -11.95
C ILE A 631 -23.82 -3.44 -12.73
N ALA A 632 -24.65 -2.55 -12.16
CA ALA A 632 -24.96 -1.31 -12.84
C ALA A 632 -23.74 -0.42 -13.03
N ILE A 633 -22.87 -0.34 -12.03
CA ILE A 633 -21.68 0.46 -12.16
C ILE A 633 -20.78 -0.04 -13.28
N ALA A 634 -20.52 -1.33 -13.32
CA ALA A 634 -19.68 -1.90 -14.38
C ALA A 634 -20.24 -1.63 -15.77
N GLU A 635 -21.55 -1.81 -15.93
CA GLU A 635 -22.21 -1.62 -17.24
C GLU A 635 -22.20 -0.18 -17.63
N VAL A 636 -22.46 0.72 -16.69
CA VAL A 636 -22.32 2.17 -16.96
C VAL A 636 -20.88 2.56 -17.32
N ARG A 637 -19.89 1.97 -16.66
CA ARG A 637 -18.49 2.31 -16.97
C ARG A 637 -18.23 1.93 -18.44
N GLU A 638 -18.70 0.74 -18.78
CA GLU A 638 -18.59 0.30 -20.17
C GLU A 638 -19.34 1.21 -21.21
N ALA A 639 -20.60 1.55 -20.90
CA ALA A 639 -21.44 2.35 -21.80
C ALA A 639 -20.88 3.72 -21.92
N LEU A 640 -20.37 4.26 -20.85
CA LEU A 640 -19.72 5.58 -20.96
C LEU A 640 -18.43 5.54 -21.82
N THR A 641 -17.68 4.46 -21.66
CA THR A 641 -16.52 4.25 -22.48
C THR A 641 -16.92 4.12 -23.98
N ARG A 642 -17.93 3.29 -24.32
CA ARG A 642 -18.52 3.23 -25.68
C ARG A 642 -19.01 4.57 -26.19
N THR A 643 -19.68 5.33 -25.34
CA THR A 643 -20.20 6.60 -25.81
C THR A 643 -19.09 7.60 -26.13
N LEU A 644 -18.14 7.77 -25.23
CA LEU A 644 -16.99 8.60 -25.53
C LEU A 644 -16.17 8.09 -26.72
N ALA A 645 -15.99 6.77 -26.83
CA ALA A 645 -15.31 6.22 -28.01
C ALA A 645 -15.94 6.71 -29.32
N THR A 646 -17.27 6.70 -29.38
CA THR A 646 -17.99 7.11 -30.60
C THR A 646 -17.92 8.62 -30.84
N GLU A 647 -18.11 9.40 -29.81
CA GLU A 647 -18.13 10.82 -29.92
C GLU A 647 -16.78 11.39 -30.22
N LEU A 648 -15.70 10.67 -29.86
CA LEU A 648 -14.37 11.23 -29.94
C LEU A 648 -13.48 10.43 -30.90
N ALA A 649 -14.06 9.53 -31.69
CA ALA A 649 -13.28 8.55 -32.48
C ALA A 649 -12.11 9.11 -33.25
N ASP A 650 -12.35 10.23 -33.89
CA ASP A 650 -11.37 10.81 -34.78
C ASP A 650 -10.20 11.37 -34.00
N GLU A 651 -10.54 12.15 -32.98
CA GLU A 651 -9.56 12.76 -32.09
C GLU A 651 -8.75 11.65 -31.35
N LEU A 652 -9.43 10.60 -30.88
CA LEU A 652 -8.77 9.45 -30.24
C LEU A 652 -7.69 8.81 -31.14
N LEU A 653 -8.04 8.60 -32.40
CA LEU A 653 -7.18 7.91 -33.33
C LEU A 653 -6.01 8.78 -33.67
N ALA A 654 -6.27 10.06 -33.81
CA ALA A 654 -5.22 10.96 -34.19
C ALA A 654 -4.20 11.06 -33.05
N ILE A 655 -4.67 11.16 -31.81
CA ILE A 655 -3.77 11.31 -30.67
C ILE A 655 -3.00 10.01 -30.41
N TYR A 656 -3.66 8.86 -30.59
CA TYR A 656 -3.00 7.59 -30.61
C TYR A 656 -1.80 7.52 -31.59
N ASN A 657 -1.99 7.95 -32.84
CA ASN A 657 -0.94 7.83 -33.87
C ASN A 657 0.19 8.82 -33.60
N ALA A 658 -0.18 10.03 -33.20
CA ALA A 658 0.77 11.09 -32.87
C ALA A 658 1.75 10.72 -31.77
N ASN A 659 1.32 9.89 -30.83
CA ASN A 659 2.12 9.56 -29.67
C ASN A 659 2.83 8.27 -29.84
N TYR A 660 2.77 7.68 -31.03
CA TYR A 660 3.64 6.57 -31.31
C TYR A 660 5.11 6.89 -30.98
N GLN A 661 5.82 5.95 -30.38
CA GLN A 661 7.27 6.06 -30.11
C GLN A 661 7.96 4.78 -30.57
N SER A 662 8.97 4.89 -31.40
CA SER A 662 9.66 3.66 -31.90
C SER A 662 10.56 3.06 -30.83
N GLU A 663 11.28 3.92 -30.12
CA GLU A 663 12.18 3.49 -29.05
C GLU A 663 11.40 3.37 -27.72
N TYR A 664 11.69 2.35 -26.93
CA TYR A 664 11.11 2.23 -25.57
C TYR A 664 12.09 2.76 -24.51
N ARG A 665 11.65 3.74 -23.73
CA ARG A 665 12.45 4.21 -22.66
C ARG A 665 11.62 4.34 -21.38
N VAL A 666 12.28 4.03 -20.25
CA VAL A 666 11.70 4.20 -18.93
C VAL A 666 12.11 5.59 -18.45
N GLU A 667 11.42 6.58 -18.95
CA GLU A 667 11.68 7.99 -18.71
C GLU A 667 10.37 8.70 -18.68
N HIS A 668 10.28 9.74 -17.85
CA HIS A 668 9.02 10.35 -17.49
C HIS A 668 8.20 10.89 -18.68
N GLU A 669 8.82 11.58 -19.62
CA GLU A 669 8.16 12.02 -20.86
C GLU A 669 7.69 10.88 -21.73
N ASP A 670 8.51 9.85 -21.85
CA ASP A 670 8.09 8.70 -22.65
C ASP A 670 6.94 7.97 -22.03
N ILE A 671 6.98 7.84 -20.69
CA ILE A 671 5.92 7.11 -20.02
C ILE A 671 4.59 7.86 -20.24
N ALA A 672 4.62 9.17 -20.18
CA ALA A 672 3.44 10.01 -20.25
C ALA A 672 2.79 9.92 -21.62
N LYS A 673 3.61 10.07 -22.68
CA LYS A 673 3.14 9.84 -24.06
C LYS A 673 2.53 8.48 -24.25
N ARG A 674 3.18 7.46 -23.72
CA ARG A 674 2.71 6.06 -23.89
C ARG A 674 1.43 5.81 -23.11
N THR A 675 1.32 6.40 -21.94
CA THR A 675 0.17 6.26 -21.10
C THR A 675 -1.06 6.93 -21.76
N LEU A 676 -0.86 8.09 -22.37
CA LEU A 676 -1.87 8.72 -23.17
C LEU A 676 -2.25 7.92 -24.43
N ARG A 677 -1.27 7.39 -25.11
CA ARG A 677 -1.56 6.61 -26.25
C ARG A 677 -2.45 5.43 -25.94
N ASN A 678 -2.06 4.70 -24.89
CA ASN A 678 -2.80 3.57 -24.45
C ASN A 678 -4.17 3.89 -23.81
N ALA A 679 -4.31 5.09 -23.26
CA ALA A 679 -5.61 5.56 -22.84
C ALA A 679 -6.50 5.75 -24.08
N CYS A 680 -5.94 6.29 -25.17
CA CYS A 680 -6.71 6.37 -26.43
C CYS A 680 -7.07 4.97 -26.96
N LEU A 681 -6.11 4.07 -26.97
CA LEU A 681 -6.38 2.74 -27.47
C LEU A 681 -7.55 2.11 -26.73
N ARG A 682 -7.62 2.34 -25.42
CA ARG A 682 -8.68 1.77 -24.60
C ARG A 682 -10.06 2.16 -25.11
N PHE A 683 -10.26 3.45 -25.36
CA PHE A 683 -11.55 3.90 -25.93
C PHE A 683 -11.80 3.30 -27.32
N LEU A 684 -10.76 3.34 -28.16
CA LEU A 684 -10.81 2.85 -29.50
C LEU A 684 -11.19 1.39 -29.53
N ALA A 685 -10.75 0.62 -28.53
CA ALA A 685 -11.14 -0.80 -28.44
C ALA A 685 -12.64 -0.97 -28.25
N PHE A 686 -13.30 0.05 -27.67
CA PHE A 686 -14.74 0.03 -27.39
C PHE A 686 -15.60 0.73 -28.49
N GLY A 687 -15.00 0.99 -29.65
CA GLY A 687 -15.56 1.75 -30.72
C GLY A 687 -15.93 0.76 -31.78
N GLU A 688 -15.86 1.17 -33.02
CA GLU A 688 -16.25 0.30 -34.11
C GLU A 688 -15.39 -0.98 -34.09
N THR A 689 -16.06 -2.13 -34.15
CA THR A 689 -15.45 -3.40 -33.87
C THR A 689 -14.31 -3.82 -34.76
N HIS A 690 -14.45 -3.59 -36.06
CA HIS A 690 -13.39 -4.06 -36.98
C HIS A 690 -12.08 -3.29 -36.79
N LEU A 691 -12.15 -1.96 -36.78
CA LEU A 691 -10.99 -1.14 -36.54
C LEU A 691 -10.36 -1.44 -35.15
N ALA A 692 -11.21 -1.66 -34.14
CA ALA A 692 -10.75 -2.05 -32.83
C ALA A 692 -9.91 -3.30 -32.88
N ASP A 693 -10.45 -4.37 -33.46
CA ASP A 693 -9.75 -5.66 -33.57
C ASP A 693 -8.40 -5.47 -34.26
N VAL A 694 -8.34 -4.58 -35.26
CA VAL A 694 -7.14 -4.43 -36.08
C VAL A 694 -6.07 -3.72 -35.29
N LEU A 695 -6.41 -2.53 -34.80
CA LEU A 695 -5.57 -1.72 -33.93
C LEU A 695 -4.97 -2.53 -32.74
N VAL A 696 -5.83 -3.28 -32.04
CA VAL A 696 -5.42 -3.95 -30.84
C VAL A 696 -4.49 -5.13 -31.13
N SER A 697 -4.90 -5.96 -32.08
CA SER A 697 -4.13 -7.10 -32.57
C SER A 697 -2.76 -6.67 -33.08
N LYS A 698 -2.74 -5.57 -33.78
CA LYS A 698 -1.53 -5.08 -34.37
C LYS A 698 -0.59 -4.60 -33.25
N GLN A 699 -1.11 -3.79 -32.33
CA GLN A 699 -0.29 -3.33 -31.18
C GLN A 699 0.26 -4.48 -30.36
N PHE A 700 -0.55 -5.51 -30.16
CA PHE A 700 -0.08 -6.67 -29.40
C PHE A 700 1.05 -7.40 -30.12
N HIS A 701 0.97 -7.54 -31.46
CA HIS A 701 2.04 -8.28 -32.16
C HIS A 701 3.27 -7.45 -32.46
N GLU A 702 3.13 -6.16 -32.69
CA GLU A 702 4.27 -5.29 -32.99
C GLU A 702 4.96 -4.60 -31.80
N ALA A 703 4.33 -4.67 -30.63
CA ALA A 703 4.89 -4.02 -29.42
C ALA A 703 6.33 -4.43 -29.17
N ASN A 704 7.19 -3.49 -28.87
CA ASN A 704 8.54 -3.88 -28.43
C ASN A 704 8.73 -3.85 -26.94
N ASN A 705 7.66 -3.87 -26.14
CA ASN A 705 7.71 -3.74 -24.70
C ASN A 705 6.39 -4.24 -24.12
N MET A 706 6.43 -4.70 -22.87
CA MET A 706 5.28 -5.30 -22.23
C MET A 706 4.17 -4.29 -21.94
N THR A 707 4.49 -3.00 -21.81
CA THR A 707 3.48 -2.01 -21.53
C THR A 707 2.51 -1.99 -22.71
N ASP A 708 3.06 -1.89 -23.91
CA ASP A 708 2.23 -1.76 -25.12
C ASP A 708 1.52 -3.07 -25.41
N ALA A 709 2.17 -4.20 -25.14
CA ALA A 709 1.55 -5.47 -25.34
C ALA A 709 0.39 -5.74 -24.37
N LEU A 710 0.62 -5.47 -23.10
CA LEU A 710 -0.39 -5.75 -22.10
C LEU A 710 -1.60 -4.79 -22.28
N ALA A 711 -1.37 -3.55 -22.65
CA ALA A 711 -2.47 -2.64 -22.84
C ALA A 711 -3.42 -3.16 -23.93
N ALA A 712 -2.83 -3.67 -24.99
CA ALA A 712 -3.61 -4.34 -26.06
C ALA A 712 -4.38 -5.56 -25.59
N LEU A 713 -3.69 -6.44 -24.94
CA LEU A 713 -4.33 -7.69 -24.49
C LEU A 713 -5.46 -7.34 -23.50
N SER A 714 -5.18 -6.40 -22.62
CA SER A 714 -6.14 -5.97 -21.62
C SER A 714 -7.39 -5.40 -22.32
N ALA A 715 -7.17 -4.55 -23.35
CA ALA A 715 -8.27 -4.00 -24.15
C ALA A 715 -9.05 -5.09 -24.89
N ALA A 716 -8.35 -6.10 -25.45
CA ALA A 716 -9.09 -7.16 -26.10
C ALA A 716 -10.02 -7.90 -25.16
N VAL A 717 -9.58 -8.09 -23.93
CA VAL A 717 -10.35 -8.79 -22.95
C VAL A 717 -11.54 -7.91 -22.55
N ALA A 718 -11.30 -6.62 -22.32
CA ALA A 718 -12.28 -5.75 -21.70
C ALA A 718 -13.44 -5.46 -22.65
N ALA A 719 -13.11 -5.28 -23.92
CA ALA A 719 -14.09 -5.05 -24.95
C ALA A 719 -14.53 -6.34 -25.62
N GLN A 720 -14.08 -7.49 -25.15
CA GLN A 720 -14.46 -8.78 -25.76
C GLN A 720 -14.36 -8.86 -27.28
N LEU A 721 -13.23 -8.44 -27.79
CA LEU A 721 -13.00 -8.40 -29.20
C LEU A 721 -12.81 -9.79 -29.78
N PRO A 722 -13.02 -9.93 -31.10
CA PRO A 722 -12.78 -11.23 -31.75
C PRO A 722 -11.37 -11.78 -31.56
N CYS A 723 -10.34 -10.92 -31.58
CA CYS A 723 -8.94 -11.41 -31.44
C CYS A 723 -8.55 -11.98 -30.04
N ARG A 724 -9.44 -11.83 -29.07
CA ARG A 724 -9.13 -12.10 -27.68
C ARG A 724 -8.56 -13.47 -27.41
N ASP A 725 -9.27 -14.51 -27.81
CA ASP A 725 -8.87 -15.87 -27.42
C ASP A 725 -7.50 -16.22 -27.98
N ALA A 726 -7.27 -15.79 -29.23
CA ALA A 726 -6.00 -16.01 -29.89
C ALA A 726 -4.86 -15.30 -29.14
N LEU A 727 -5.03 -13.99 -28.88
CA LEU A 727 -4.05 -13.21 -28.13
C LEU A 727 -3.77 -13.82 -26.72
N MET A 728 -4.82 -14.20 -26.00
CA MET A 728 -4.65 -14.81 -24.69
C MET A 728 -3.88 -16.10 -24.79
N GLN A 729 -4.12 -16.87 -25.86
CA GLN A 729 -3.45 -18.19 -26.00
C GLN A 729 -1.96 -17.99 -26.35
N GLU A 730 -1.69 -17.03 -27.21
CA GLU A 730 -0.31 -16.68 -27.53
C GLU A 730 0.52 -16.32 -26.31
N TYR A 731 -0.04 -15.54 -25.40
CA TYR A 731 0.66 -15.05 -24.23
C TYR A 731 0.88 -16.20 -23.28
N ASP A 732 -0.14 -17.01 -23.05
CA ASP A 732 0.08 -18.26 -22.29
C ASP A 732 1.26 -19.05 -22.89
N ASP A 733 1.21 -19.31 -24.19
CA ASP A 733 2.24 -20.17 -24.84
C ASP A 733 3.65 -19.65 -24.64
N LYS A 734 3.78 -18.34 -24.72
CA LYS A 734 5.06 -17.71 -24.65
C LYS A 734 5.57 -17.57 -23.21
N TRP A 735 4.64 -17.40 -22.25
CA TRP A 735 5.00 -16.86 -20.92
C TRP A 735 4.68 -17.78 -19.76
N HIS A 736 4.07 -18.93 -20.01
CA HIS A 736 3.64 -19.89 -18.94
C HIS A 736 4.68 -20.27 -17.89
N GLN A 737 5.93 -20.33 -18.28
CA GLN A 737 7.03 -20.68 -17.37
C GLN A 737 7.41 -19.51 -16.45
N ASN A 738 6.87 -18.34 -16.73
CA ASN A 738 7.25 -17.13 -16.00
C ASN A 738 6.11 -16.56 -15.10
N GLY A 739 6.18 -16.90 -13.83
CA GLY A 739 5.07 -16.61 -12.92
C GLY A 739 4.67 -15.15 -12.81
N LEU A 740 5.64 -14.25 -12.65
CA LEU A 740 5.32 -12.84 -12.49
C LEU A 740 4.63 -12.33 -13.71
N VAL A 741 5.01 -12.84 -14.88
CA VAL A 741 4.43 -12.39 -16.13
C VAL A 741 3.04 -13.01 -16.26
N MET A 742 2.91 -14.27 -15.81
CA MET A 742 1.62 -14.93 -15.86
C MET A 742 0.55 -14.31 -14.95
N ASP A 743 1.01 -13.70 -13.87
CA ASP A 743 0.14 -13.04 -12.93
C ASP A 743 -0.71 -12.03 -13.65
N LYS A 744 -0.13 -11.35 -14.62
CA LYS A 744 -0.86 -10.31 -15.33
C LYS A 744 -2.01 -10.89 -16.11
N TRP A 745 -1.77 -12.09 -16.65
CA TRP A 745 -2.72 -12.80 -17.47
C TRP A 745 -3.85 -13.38 -16.63
N PHE A 746 -3.49 -13.92 -15.46
CA PHE A 746 -4.47 -14.34 -14.49
C PHE A 746 -5.35 -13.16 -14.08
N ILE A 747 -4.75 -11.97 -13.91
CA ILE A 747 -5.54 -10.81 -13.55
C ILE A 747 -6.57 -10.49 -14.65
N LEU A 748 -6.15 -10.58 -15.90
CA LEU A 748 -7.06 -10.31 -17.03
C LEU A 748 -8.17 -11.36 -17.07
N GLN A 749 -7.81 -12.64 -16.86
CA GLN A 749 -8.79 -13.73 -16.81
C GLN A 749 -9.85 -13.48 -15.73
N ALA A 750 -9.38 -13.17 -14.51
CA ALA A 750 -10.22 -12.93 -13.32
C ALA A 750 -11.13 -11.75 -13.42
N THR A 751 -10.71 -10.72 -14.13
CA THR A 751 -11.42 -9.45 -14.25
C THR A 751 -12.17 -9.35 -15.59
N SER A 752 -12.18 -10.43 -16.37
CA SER A 752 -12.93 -10.44 -17.63
C SER A 752 -14.46 -10.15 -17.45
N PRO A 753 -15.02 -9.36 -18.34
CA PRO A 753 -16.48 -9.15 -18.31
C PRO A 753 -17.27 -10.29 -18.99
N ALA A 754 -16.60 -11.30 -19.47
CA ALA A 754 -17.27 -12.42 -20.09
C ALA A 754 -18.26 -13.07 -19.14
N ALA A 755 -19.33 -13.63 -19.71
CA ALA A 755 -20.45 -14.16 -18.88
C ALA A 755 -20.00 -15.41 -18.11
N ASN A 756 -19.03 -16.13 -18.65
CA ASN A 756 -18.57 -17.38 -17.99
C ASN A 756 -17.24 -17.22 -17.14
N VAL A 757 -16.95 -16.00 -16.70
CA VAL A 757 -15.69 -15.74 -16.01
C VAL A 757 -15.47 -16.63 -14.79
N LEU A 758 -16.50 -16.86 -13.99
CA LEU A 758 -16.29 -17.72 -12.83
C LEU A 758 -15.86 -19.13 -13.19
N GLU A 759 -16.47 -19.68 -14.21
CA GLU A 759 -16.16 -20.99 -14.69
C GLU A 759 -14.69 -21.01 -15.19
N THR A 760 -14.28 -19.93 -15.84
CA THR A 760 -12.93 -19.90 -16.40
C THR A 760 -11.90 -19.85 -15.27
N VAL A 761 -12.21 -19.05 -14.25
CA VAL A 761 -11.36 -18.90 -13.07
C VAL A 761 -11.22 -20.22 -12.26
N ARG A 762 -12.35 -20.92 -12.01
CA ARG A 762 -12.30 -22.27 -11.41
C ARG A 762 -11.38 -23.19 -12.19
N GLY A 763 -11.52 -23.24 -13.50
CA GLY A 763 -10.64 -24.09 -14.33
C GLY A 763 -9.17 -23.71 -14.21
N LEU A 764 -8.93 -22.39 -14.08
CA LEU A 764 -7.58 -21.87 -13.92
C LEU A 764 -6.95 -22.28 -12.59
N LEU A 765 -7.70 -22.74 -11.60
CA LEU A 765 -7.05 -23.39 -10.47
C LEU A 765 -6.20 -24.60 -10.81
N GLN A 766 -6.48 -25.25 -11.94
CA GLN A 766 -5.67 -26.37 -12.46
C GLN A 766 -4.58 -25.95 -13.47
N HIS A 767 -4.42 -24.66 -13.75
CA HIS A 767 -3.50 -24.23 -14.76
C HIS A 767 -2.03 -24.45 -14.33
N ARG A 768 -1.20 -24.86 -15.28
CA ARG A 768 0.23 -25.17 -15.04
C ARG A 768 1.01 -24.09 -14.27
N SER A 769 0.69 -22.83 -14.52
CA SER A 769 1.29 -21.68 -13.84
C SER A 769 0.66 -21.22 -12.52
N PHE A 770 -0.49 -21.80 -12.13
CA PHE A 770 -1.13 -21.54 -10.83
C PHE A 770 -0.71 -22.53 -9.76
N THR A 771 -0.54 -22.08 -8.53
CA THR A 771 -0.46 -22.98 -7.38
C THR A 771 -0.98 -22.23 -6.14
N MET A 772 -1.76 -22.93 -5.27
CA MET A 772 -2.25 -22.37 -3.99
C MET A 772 -1.11 -22.16 -2.99
N SER A 773 0.12 -22.59 -3.29
CA SER A 773 1.24 -22.39 -2.36
C SER A 773 1.97 -21.03 -2.49
N ASN A 774 1.57 -20.22 -3.47
CA ASN A 774 2.25 -19.00 -3.80
C ASN A 774 1.32 -17.78 -3.65
N PRO A 775 1.61 -16.90 -2.68
CA PRO A 775 0.70 -15.84 -2.48
C PRO A 775 0.45 -14.96 -3.73
N ASN A 776 1.43 -14.76 -4.58
CA ASN A 776 1.27 -13.91 -5.76
C ASN A 776 0.21 -14.48 -6.74
N ARG A 777 0.32 -15.79 -7.01
CA ARG A 777 -0.62 -16.49 -7.88
C ARG A 777 -2.05 -16.42 -7.32
N ILE A 778 -2.16 -16.64 -6.02
CA ILE A 778 -3.40 -16.57 -5.34
C ILE A 778 -4.07 -15.23 -5.52
N ARG A 779 -3.32 -14.17 -5.24
CA ARG A 779 -3.81 -12.79 -5.35
C ARG A 779 -4.20 -12.44 -6.79
N SER A 780 -3.42 -12.96 -7.73
CA SER A 780 -3.62 -12.70 -9.15
C SER A 780 -4.87 -13.31 -9.78
N LEU A 781 -5.28 -14.47 -9.29
CA LEU A 781 -6.44 -15.21 -9.82
C LEU A 781 -7.62 -14.94 -8.91
N ILE A 782 -7.50 -15.38 -7.66
CA ILE A 782 -8.63 -15.43 -6.73
C ILE A 782 -8.91 -14.05 -6.19
N GLY A 783 -7.88 -13.38 -5.74
CA GLY A 783 -8.03 -12.03 -5.20
C GLY A 783 -8.54 -11.07 -6.26
N ALA A 784 -8.04 -11.22 -7.48
CA ALA A 784 -8.42 -10.31 -8.53
C ALA A 784 -9.91 -10.53 -8.91
N PHE A 785 -10.35 -11.79 -8.89
CA PHE A 785 -11.75 -12.08 -9.06
C PHE A 785 -12.66 -11.41 -8.00
N ALA A 786 -12.42 -11.77 -6.75
CA ALA A 786 -13.21 -11.27 -5.61
C ALA A 786 -13.13 -9.76 -5.43
N GLY A 787 -11.94 -9.20 -5.61
CA GLY A 787 -11.71 -7.81 -5.28
C GLY A 787 -11.76 -6.81 -6.44
N SER A 788 -11.49 -7.26 -7.65
CA SER A 788 -11.46 -6.42 -8.80
C SER A 788 -12.42 -6.88 -9.89
N ASN A 789 -13.20 -7.96 -9.72
CA ASN A 789 -14.36 -8.18 -10.60
C ASN A 789 -15.68 -8.12 -9.82
N PRO A 790 -16.00 -6.94 -9.26
CA PRO A 790 -17.19 -6.91 -8.37
C PRO A 790 -18.51 -7.32 -9.08
N ALA A 791 -18.60 -7.13 -10.39
CA ALA A 791 -19.81 -7.48 -11.10
C ALA A 791 -20.04 -8.99 -11.08
N ALA A 792 -18.99 -9.78 -11.27
CA ALA A 792 -19.06 -11.22 -11.23
C ALA A 792 -19.08 -11.74 -9.78
N PHE A 793 -18.29 -11.11 -8.92
CA PHE A 793 -18.20 -11.57 -7.57
C PHE A 793 -19.57 -11.47 -6.92
N HIS A 794 -20.30 -10.41 -7.27
CA HIS A 794 -21.65 -10.17 -6.75
C HIS A 794 -22.80 -10.53 -7.67
N ALA A 795 -22.56 -11.54 -8.49
CA ALA A 795 -23.59 -12.16 -9.33
C ALA A 795 -24.78 -12.51 -8.45
N GLU A 796 -25.96 -12.20 -8.97
CA GLU A 796 -27.20 -12.45 -8.26
C GLU A 796 -27.39 -13.87 -7.70
N ASP A 797 -26.92 -14.90 -8.38
CA ASP A 797 -27.05 -16.27 -7.82
C ASP A 797 -26.11 -16.59 -6.65
N GLY A 798 -25.22 -15.67 -6.24
CA GLY A 798 -24.32 -15.93 -5.12
C GLY A 798 -23.16 -16.89 -5.36
N SER A 799 -22.89 -17.19 -6.62
CA SER A 799 -21.84 -18.15 -6.97
C SER A 799 -20.48 -17.59 -6.59
N GLY A 800 -20.38 -16.26 -6.60
CA GLY A 800 -19.15 -15.59 -6.29
C GLY A 800 -18.75 -15.77 -4.85
N TYR A 801 -19.69 -15.55 -3.96
CA TYR A 801 -19.42 -15.77 -2.55
C TYR A 801 -19.07 -17.22 -2.26
N LEU A 802 -19.73 -18.16 -2.94
CA LEU A 802 -19.52 -19.57 -2.61
C LEU A 802 -18.13 -19.97 -3.02
N PHE A 803 -17.70 -19.48 -4.15
CA PHE A 803 -16.34 -19.74 -4.60
C PHE A 803 -15.29 -19.23 -3.61
N LEU A 804 -15.48 -17.99 -3.16
CA LEU A 804 -14.56 -17.40 -2.19
C LEU A 804 -14.51 -18.22 -0.88
N VAL A 805 -15.69 -18.68 -0.42
CA VAL A 805 -15.78 -19.54 0.78
C VAL A 805 -14.93 -20.82 0.59
N GLU A 806 -15.05 -21.48 -0.57
CA GLU A 806 -14.21 -22.64 -0.78
C GLU A 806 -12.74 -22.26 -0.69
N MET A 807 -12.36 -21.14 -1.30
CA MET A 807 -10.96 -20.80 -1.35
C MET A 807 -10.45 -20.48 0.05
N LEU A 808 -11.29 -19.83 0.83
CA LEU A 808 -10.88 -19.39 2.16
C LEU A 808 -10.83 -20.57 3.15
N THR A 809 -11.68 -21.57 2.90
CA THR A 809 -11.64 -22.80 3.68
C THR A 809 -10.29 -23.54 3.55
N ASP A 810 -9.71 -23.54 2.34
CA ASP A 810 -8.33 -23.98 2.13
C ASP A 810 -7.37 -23.01 2.79
N LEU A 811 -7.47 -21.74 2.46
CA LEU A 811 -6.42 -20.79 2.84
C LEU A 811 -6.35 -20.49 4.32
N ASN A 812 -7.46 -20.60 5.04
CA ASN A 812 -7.43 -20.38 6.50
C ASN A 812 -6.42 -21.30 7.24
N SER A 813 -6.30 -22.55 6.78
CA SER A 813 -5.34 -23.49 7.35
C SER A 813 -3.95 -23.26 6.78
N ARG A 814 -3.84 -22.84 5.51
CA ARG A 814 -2.56 -22.83 4.80
C ARG A 814 -1.82 -21.46 5.08
N ASN A 815 -2.54 -20.35 4.86
CA ASN A 815 -1.92 -19.04 4.96
C ASN A 815 -2.98 -18.03 5.34
N PRO A 816 -3.14 -17.88 6.65
CA PRO A 816 -4.16 -16.98 7.18
C PRO A 816 -4.02 -15.56 6.76
N GLN A 817 -2.79 -15.01 6.66
CA GLN A 817 -2.62 -13.62 6.16
C GLN A 817 -3.18 -13.41 4.73
N VAL A 818 -2.92 -14.39 3.86
CA VAL A 818 -3.47 -14.28 2.53
C VAL A 818 -5.01 -14.42 2.53
N ALA A 819 -5.50 -15.31 3.36
CA ALA A 819 -6.91 -15.51 3.62
C ALA A 819 -7.54 -14.22 4.10
N SER A 820 -6.87 -13.53 5.02
CA SER A 820 -7.44 -12.33 5.55
C SER A 820 -7.50 -11.18 4.51
N ARG A 821 -6.55 -11.17 3.57
CA ARG A 821 -6.59 -10.21 2.46
C ARG A 821 -7.78 -10.47 1.56
N LEU A 822 -7.94 -11.74 1.23
CA LEU A 822 -8.97 -12.19 0.36
C LEU A 822 -10.39 -12.10 0.93
N ILE A 823 -10.58 -12.08 2.23
CA ILE A 823 -11.92 -12.01 2.77
C ILE A 823 -12.51 -10.60 2.68
N GLU A 824 -11.67 -9.61 2.39
CA GLU A 824 -12.11 -8.22 2.52
C GLU A 824 -13.41 -7.86 1.71
N PRO A 825 -13.55 -8.35 0.48
CA PRO A 825 -14.80 -8.06 -0.28
C PRO A 825 -16.12 -8.52 0.40
N LEU A 826 -16.07 -9.61 1.17
CA LEU A 826 -17.21 -10.13 1.92
C LEU A 826 -17.54 -9.32 3.14
N ILE A 827 -16.54 -8.73 3.75
CA ILE A 827 -16.65 -7.88 4.95
C ILE A 827 -17.44 -6.59 4.65
N ARG A 828 -17.61 -6.24 3.38
CA ARG A 828 -18.35 -5.05 2.95
C ARG A 828 -19.82 -5.25 2.67
N LEU A 829 -20.41 -6.33 3.19
CA LEU A 829 -21.79 -6.66 2.86
C LEU A 829 -22.78 -5.51 3.14
N LYS A 830 -22.47 -4.63 4.06
CA LYS A 830 -23.48 -3.65 4.49
C LYS A 830 -23.63 -2.50 3.47
N ARG A 831 -22.79 -2.45 2.46
CA ARG A 831 -22.94 -1.53 1.33
C ARG A 831 -23.85 -2.06 0.24
N TYR A 832 -24.29 -3.32 0.34
CA TYR A 832 -25.03 -3.94 -0.76
C TYR A 832 -26.52 -4.07 -0.39
N ASP A 833 -27.34 -4.41 -1.37
CA ASP A 833 -28.80 -4.54 -1.21
C ASP A 833 -29.05 -5.76 -0.30
N ALA A 834 -30.27 -5.84 0.23
CA ALA A 834 -30.70 -6.88 1.23
C ALA A 834 -30.45 -8.30 0.75
N LYS A 835 -30.81 -8.57 -0.48
CA LYS A 835 -30.64 -9.90 -1.06
C LYS A 835 -29.15 -10.39 -1.11
N ARG A 836 -28.23 -9.50 -1.53
CA ARG A 836 -26.79 -9.76 -1.51
C ARG A 836 -26.29 -9.85 -0.10
N GLN A 837 -26.77 -8.95 0.75
CA GLN A 837 -26.44 -8.97 2.17
C GLN A 837 -26.74 -10.27 2.86
N GLU A 838 -27.89 -10.85 2.58
CA GLU A 838 -28.26 -12.14 3.15
C GLU A 838 -27.31 -13.28 2.72
N LYS A 839 -26.97 -13.29 1.44
CA LYS A 839 -26.06 -14.30 0.97
C LYS A 839 -24.64 -14.11 1.49
N MET A 840 -24.23 -12.86 1.66
CA MET A 840 -22.85 -12.63 2.09
C MET A 840 -22.73 -13.01 3.58
N ARG A 841 -23.80 -12.74 4.31
CA ARG A 841 -23.86 -13.03 5.75
C ARG A 841 -23.87 -14.53 5.93
N ALA A 842 -24.57 -15.25 5.05
CA ALA A 842 -24.58 -16.70 5.13
C ALA A 842 -23.15 -17.32 4.84
N ALA A 843 -22.46 -16.76 3.85
CA ALA A 843 -21.08 -17.14 3.55
C ALA A 843 -20.17 -16.88 4.71
N LEU A 844 -20.27 -15.70 5.27
CA LEU A 844 -19.52 -15.39 6.51
C LEU A 844 -19.83 -16.31 7.70
N GLU A 845 -21.06 -16.76 7.79
CA GLU A 845 -21.49 -17.67 8.86
C GLU A 845 -20.90 -19.07 8.66
N GLN A 846 -20.81 -19.53 7.42
CA GLN A 846 -20.05 -20.75 7.14
C GLN A 846 -18.61 -20.67 7.59
N LEU A 847 -17.95 -19.56 7.22
CA LEU A 847 -16.53 -19.39 7.57
C LEU A 847 -16.33 -19.29 9.07
N LYS A 848 -17.25 -18.58 9.75
CA LYS A 848 -17.20 -18.55 11.26
C LYS A 848 -17.12 -19.94 11.87
N GLY A 849 -17.79 -20.89 11.23
CA GLY A 849 -17.86 -22.25 11.73
C GLY A 849 -16.69 -23.16 11.39
N LEU A 850 -15.65 -22.70 10.69
CA LEU A 850 -14.56 -23.63 10.35
C LEU A 850 -13.92 -24.16 11.63
N GLU A 851 -13.49 -25.40 11.61
CA GLU A 851 -12.53 -25.89 12.60
C GLU A 851 -11.26 -25.08 12.42
N ASN A 852 -10.59 -24.80 13.52
CA ASN A 852 -9.34 -24.08 13.47
C ASN A 852 -9.42 -22.79 12.65
N LEU A 853 -10.47 -22.00 12.89
CA LEU A 853 -10.58 -20.67 12.37
C LEU A 853 -9.41 -19.82 12.84
N SER A 854 -8.66 -19.22 11.93
CA SER A 854 -7.53 -18.35 12.28
C SER A 854 -8.09 -17.09 12.96
N GLY A 855 -7.30 -16.56 13.88
CA GLY A 855 -7.53 -15.23 14.46
C GLY A 855 -7.75 -14.13 13.44
N ASP A 856 -7.01 -14.23 12.34
CA ASP A 856 -6.97 -13.23 11.31
C ASP A 856 -8.38 -13.17 10.72
N LEU A 857 -8.97 -14.32 10.40
CA LEU A 857 -10.31 -14.37 9.85
C LEU A 857 -11.37 -14.02 10.89
N TYR A 858 -11.15 -14.56 12.09
CA TYR A 858 -12.04 -14.38 13.19
C TYR A 858 -12.33 -12.92 13.45
N GLU A 859 -11.27 -12.11 13.54
CA GLU A 859 -11.40 -10.68 13.80
C GLU A 859 -12.33 -10.04 12.79
N LYS A 860 -12.10 -10.33 11.54
CA LYS A 860 -12.89 -9.69 10.47
C LYS A 860 -14.29 -10.18 10.41
N ILE A 861 -14.47 -11.49 10.47
CA ILE A 861 -15.80 -12.11 10.42
C ILE A 861 -16.73 -11.66 11.57
N THR A 862 -16.19 -11.65 12.77
CA THR A 862 -16.89 -11.16 13.97
C THR A 862 -17.38 -9.68 13.78
N LYS A 863 -16.48 -8.79 13.34
CA LYS A 863 -16.86 -7.41 13.11
C LYS A 863 -17.89 -7.32 11.97
N ALA A 864 -17.77 -8.15 10.96
CA ALA A 864 -18.71 -8.11 9.88
C ALA A 864 -20.13 -8.57 10.26
N LEU A 865 -20.25 -9.54 11.14
CA LEU A 865 -21.56 -10.10 11.51
C LEU A 865 -22.22 -9.34 12.67
N ALA A 866 -21.50 -8.41 13.31
CA ALA A 866 -22.04 -7.57 14.39
C ALA A 866 -23.25 -6.74 13.94
ZN ZN B . 6.44 0.37 5.30
N B3K C . 6.88 -3.04 7.12
N B3K C . 7.04 -3.39 6.80
CA B3K C . 6.75 -4.04 6.05
CA B3K C . 6.63 -4.26 5.69
CG B3K C . 5.36 -4.67 6.02
CG B3K C . 5.22 -4.76 5.90
CD B3K C . 5.14 -5.64 7.18
CD B3K C . 5.08 -5.67 7.13
CE B3K C . 3.93 -6.56 6.97
CE B3K C . 3.88 -6.60 6.98
CF B3K C . 3.55 -7.26 8.26
CF B3K C . 3.56 -7.27 8.31
NZ B3K C . 2.59 -8.33 8.08
NZ B3K C . 2.55 -8.29 8.21
CB B3K C . 7.01 -3.50 4.64
CB B3K C . 6.58 -3.53 4.35
C B3K C . 6.45 -2.15 4.38
C B3K C . 6.52 -2.07 4.60
O B3K C . 5.85 -1.52 5.27
O B3K C . 5.42 -1.55 4.74
OXT B3K C . 6.59 -1.68 3.26
OXT B3K C . 7.57 -1.43 4.70
NA NA D . 16.89 -3.22 25.45
NA NA E . 8.67 15.92 -10.41
NA NA F . 10.83 -0.36 10.70
NA NA G . -20.86 17.53 -11.22
C1 GOL H . -12.92 21.40 -6.64
O1 GOL H . -11.89 22.31 -6.55
C2 GOL H . -12.25 20.20 -7.12
O2 GOL H . -11.52 20.85 -8.19
C3 GOL H . -13.38 19.18 -7.30
O3 GOL H . -13.46 18.82 -8.64
C1 GOL I . 3.53 8.81 -16.15
O1 GOL I . 2.14 9.11 -16.59
C2 GOL I . 4.43 9.73 -15.23
O2 GOL I . 5.53 10.36 -15.96
C3 GOL I . 5.08 8.97 -14.03
O3 GOL I . 5.58 9.74 -12.84
C1 GOL J . 27.10 -14.72 33.45
O1 GOL J . 25.98 -13.88 33.15
C2 GOL J . 26.86 -16.13 32.89
O2 GOL J . 27.58 -17.12 33.67
C3 GOL J . 27.23 -16.36 31.40
O3 GOL J . 26.72 -17.64 30.93
C1 GOL K . -21.78 31.63 -5.56
O1 GOL K . -22.99 32.40 -5.41
C2 GOL K . -21.38 31.46 -7.03
O2 GOL K . -22.10 30.35 -7.62
C3 GOL K . -19.87 31.23 -7.17
O3 GOL K . -19.16 32.48 -7.05
C1 GOL L . 11.19 -30.22 27.21
O1 GOL L . 12.05 -31.38 27.12
C2 GOL L . 11.70 -29.12 28.17
O2 GOL L . 11.26 -29.53 29.42
C3 GOL L . 13.23 -28.84 28.14
O3 GOL L . 13.94 -28.41 29.34
C1 GOL M . 23.27 3.24 17.93
O1 GOL M . 24.02 2.25 18.53
C2 GOL M . 21.68 3.22 17.76
O2 GOL M . 20.85 3.08 18.90
C3 GOL M . 21.17 4.56 17.16
O3 GOL M . 21.83 5.76 17.70
C1 GOL N . -10.20 35.24 6.49
O1 GOL N . -9.35 34.09 6.33
C2 GOL N . -11.48 34.78 7.19
O2 GOL N . -11.24 34.19 8.49
C3 GOL N . -12.36 35.95 7.48
O3 GOL N . -13.57 35.51 8.07
C1 GOL O . 8.81 -8.61 30.25
C1 GOL O . 7.74 -9.25 30.68
O1 GOL O . 8.81 -9.87 30.98
O1 GOL O . 8.55 -10.32 31.27
C2 GOL O . 7.64 -8.43 29.22
C2 GOL O . 8.58 -8.37 29.70
O2 GOL O . 6.83 -7.33 29.64
O2 GOL O . 9.49 -7.55 30.40
C3 GOL O . 6.76 -9.67 29.10
C3 GOL O . 7.79 -7.55 28.65
O3 GOL O . 6.39 -9.96 27.73
O3 GOL O . 6.75 -8.28 27.96
C1 GOL P . 17.00 3.21 -22.75
O1 GOL P . 17.34 4.13 -23.93
C2 GOL P . 15.93 3.70 -21.70
O2 GOL P . 15.24 2.79 -20.80
C3 GOL P . 16.42 4.77 -20.71
O3 GOL P . 17.31 5.45 -21.61
C1 MLI Q . -14.39 -0.03 -19.70
C2 MLI Q . -15.19 -0.84 -18.69
C3 MLI Q . -12.90 -0.36 -19.62
O6 MLI Q . -15.89 -1.77 -19.15
O7 MLI Q . -15.14 -0.58 -17.45
O8 MLI Q . -12.57 -1.52 -19.18
O9 MLI Q . -12.09 0.54 -19.99
C1 MLI R . 6.32 -9.59 -25.96
C2 MLI R . 4.84 -9.94 -26.01
C3 MLI R . 6.79 -8.34 -25.27
O6 MLI R . 4.34 -10.64 -25.08
O7 MLI R . 4.24 -9.57 -27.07
O8 MLI R . 7.59 -7.50 -25.82
O9 MLI R . 6.38 -8.32 -24.10
C1 MLI S . -18.75 16.76 14.92
C2 MLI S . -19.79 17.52 14.12
C3 MLI S . -18.34 15.65 14.05
O6 MLI S . -21.02 17.04 14.20
O7 MLI S . -19.24 18.50 13.47
O8 MLI S . -19.11 14.76 13.76
O9 MLI S . -17.29 15.65 13.61
C1 MLI T . 14.94 10.81 -17.94
C2 MLI T . 13.92 10.50 -16.83
C3 MLI T . 16.47 10.72 -17.72
O6 MLI T . 14.21 9.95 -15.74
O7 MLI T . 12.75 10.83 -17.03
O8 MLI T . 17.14 9.72 -17.28
O9 MLI T . 17.07 11.75 -18.13
C1 MLI U . 5.08 -2.25 0.34
C2 MLI U . 4.31 -3.22 1.23
C3 MLI U . 4.65 -0.77 0.28
O6 MLI U . 4.69 -4.39 1.42
O7 MLI U . 3.27 -2.87 1.81
O8 MLI U . 4.96 -0.05 -0.68
O9 MLI U . 4.02 -0.17 1.16
#